data_3CK8
#
_entry.id   3CK8
#
_cell.length_a   59.670
_cell.length_b   73.140
_cell.length_c   83.550
_cell.angle_alpha   65.060
_cell.angle_beta   71.950
_cell.angle_gamma   69.760
#
_symmetry.space_group_name_H-M   'P 1'
#
loop_
_entity.id
_entity.type
_entity.pdbx_description
1 polymer SusD
2 branched Cycloheptakis-(1-4)-(alpha-D-glucopyranose)
3 non-polymer 'CALCIUM ION'
4 non-polymer 1,2-ETHANEDIOL
5 water water
#
_entity_poly.entity_id   1
_entity_poly.type   'polypeptide(L)'
_entity_poly.pdbx_seq_one_letter_code
;GINDLDISPIDPQTGGSFDQQGVFVKGYAMLGVTGQKGIDGSPDLDGQDEGESGFYRTTFNCNELPTDECLWAWQKNQDI
PQLTSISWSPSSQRTEWVYVRLGYDITQYNFFLDQTEGMTDAETLRQRAEIRFLRALHYWYFLDLFGKAPFKEHFSNDLP
VEKKGTELYTYIQNELNEIEADMYEPRQAPFGRADKAANWLLRARLYLNAGVYTGQTDYAKAEEYASKVIGSAYKLCTNY
SELFMADNDENENAMQEIILPIRQDGVKTRNYGGSTYLVCGTRVAGMPRMGTTNGWSCIFARAAMVQKFFSNLEDVPMLP
ADVEIPTKGLDTDEQIDAFDAEHGIRTEDMIKAAGDDRALLYSGVGGGRRKIQTDAISGFTDGLSIVKWQNYRSDGKPVS
HATYPDTDIPLFRLAEAYLTRAEAIFRQGGDATGDINELRKRANCTRKVQTVTEQELIDEWAREFYLEGRRRSDLVRFGM
FTTNKYLWDWKGGAMNGTSVASYYNKYPIPVSDINNNRNMSQNEGYK
;
_entity_poly.pdbx_strand_id   A,B
#
# COMPACT_ATOMS: atom_id res chain seq x y z
N GLN A 13 -4.13 -0.91 52.49
CA GLN A 13 -3.41 -2.11 53.03
C GLN A 13 -1.91 -1.83 53.13
N THR A 14 -1.35 -2.11 54.30
CA THR A 14 0.06 -1.87 54.53
C THR A 14 0.69 -3.03 55.29
N GLY A 15 2.00 -2.96 55.52
CA GLY A 15 2.68 -4.02 56.23
C GLY A 15 2.60 -5.36 55.53
N GLY A 16 2.07 -6.36 56.24
CA GLY A 16 1.95 -7.68 55.67
C GLY A 16 1.00 -7.76 54.50
N SER A 17 0.02 -6.86 54.46
CA SER A 17 -0.98 -6.82 53.39
C SER A 17 -0.55 -5.95 52.21
N PHE A 18 0.52 -5.18 52.41
CA PHE A 18 1.03 -4.32 51.35
C PHE A 18 1.53 -5.18 50.20
N ASP A 19 0.86 -5.12 49.07
CA ASP A 19 1.26 -5.87 47.89
C ASP A 19 2.25 -5.02 47.10
N GLN A 20 3.51 -5.02 47.56
CA GLN A 20 4.56 -4.23 46.92
C GLN A 20 4.58 -4.36 45.40
N GLN A 21 4.68 -5.59 44.91
CA GLN A 21 4.72 -5.83 43.48
C GLN A 21 3.52 -5.20 42.78
N GLY A 22 2.33 -5.46 43.31
CA GLY A 22 1.12 -4.92 42.73
C GLY A 22 1.04 -3.41 42.73
N VAL A 23 1.43 -2.79 43.83
CA VAL A 23 1.41 -1.34 43.92
C VAL A 23 2.45 -0.74 42.97
N PHE A 24 3.56 -1.44 42.80
CA PHE A 24 4.61 -0.98 41.91
C PHE A 24 4.05 -0.90 40.49
N VAL A 25 3.38 -1.97 40.07
CA VAL A 25 2.78 -2.04 38.73
C VAL A 25 1.72 -0.94 38.57
N LYS A 26 0.91 -0.75 39.59
CA LYS A 26 -0.13 0.27 39.55
C LYS A 26 0.49 1.67 39.39
N GLY A 27 1.70 1.84 39.92
CA GLY A 27 2.37 3.12 39.80
C GLY A 27 2.50 3.50 38.33
N TYR A 28 2.84 2.51 37.50
CA TYR A 28 2.97 2.72 36.07
C TYR A 28 1.61 2.76 35.42
N ALA A 29 0.69 1.97 35.95
CA ALA A 29 -0.67 1.92 35.42
C ALA A 29 -1.36 3.28 35.41
N MET A 30 -1.09 4.11 36.43
CA MET A 30 -1.72 5.43 36.52
C MET A 30 -1.44 6.31 35.32
N LEU A 31 -0.44 5.96 34.53
CA LEU A 31 -0.12 6.74 33.35
C LEU A 31 -1.09 6.45 32.22
N GLY A 32 -1.55 5.20 32.11
CA GLY A 32 -2.44 4.86 31.01
C GLY A 32 -3.84 4.35 31.29
N VAL A 33 -4.23 4.23 32.55
CA VAL A 33 -5.57 3.76 32.89
C VAL A 33 -6.21 4.61 33.97
N THR A 34 -7.52 4.61 34.03
CA THR A 34 -8.25 5.38 35.03
C THR A 34 -8.93 4.45 36.03
N ASP A 49 -16.78 12.73 33.62
CA ASP A 49 -16.62 11.30 33.73
C ASP A 49 -15.24 10.90 34.23
N GLU A 50 -15.04 9.59 34.35
CA GLU A 50 -13.77 9.04 34.81
C GLU A 50 -12.83 8.98 33.60
N GLY A 51 -13.43 9.01 32.41
CA GLY A 51 -12.65 8.96 31.18
C GLY A 51 -12.09 10.30 30.78
N GLU A 52 -12.49 11.34 31.52
CA GLU A 52 -12.02 12.69 31.25
C GLU A 52 -10.88 13.05 32.20
N SER A 53 -10.79 12.32 33.31
CA SER A 53 -9.78 12.63 34.32
C SER A 53 -8.51 11.79 34.36
N GLY A 54 -8.21 11.06 33.29
CA GLY A 54 -7.00 10.26 33.29
C GLY A 54 -5.76 11.13 33.22
N PHE A 55 -4.62 10.56 33.60
CA PHE A 55 -3.36 11.29 33.56
C PHE A 55 -3.06 11.83 32.16
N TYR A 56 -3.16 10.97 31.15
CA TYR A 56 -2.84 11.40 29.79
C TYR A 56 -3.76 12.44 29.19
N ARG A 57 -5.06 12.23 29.28
CA ARG A 57 -6.01 13.18 28.71
C ARG A 57 -5.96 14.58 29.31
N THR A 58 -5.89 14.67 30.65
CA THR A 58 -5.86 15.96 31.30
C THR A 58 -4.60 16.76 30.94
N THR A 59 -3.44 16.12 31.00
CA THR A 59 -2.21 16.83 30.66
C THR A 59 -2.19 17.14 29.15
N PHE A 60 -2.66 16.20 28.35
CA PHE A 60 -2.71 16.37 26.90
C PHE A 60 -3.53 17.59 26.52
N ASN A 61 -4.75 17.68 27.07
CA ASN A 61 -5.61 18.81 26.75
C ASN A 61 -5.02 20.15 27.18
N CYS A 62 -4.43 20.21 28.36
CA CYS A 62 -3.84 21.45 28.84
C CYS A 62 -2.67 21.91 27.96
N ASN A 63 -2.00 20.95 27.32
CA ASN A 63 -0.86 21.25 26.46
C ASN A 63 -1.19 21.25 24.97
N GLU A 64 -2.44 20.98 24.61
CA GLU A 64 -2.82 20.90 23.20
C GLU A 64 -3.99 21.76 22.74
N LEU A 65 -5.13 21.63 23.42
CA LEU A 65 -6.32 22.36 23.03
C LEU A 65 -6.19 23.87 22.85
N PRO A 66 -5.33 24.53 23.65
CA PRO A 66 -5.12 25.98 23.54
C PRO A 66 -4.10 26.37 22.48
N THR A 67 -3.38 25.37 21.96
CA THR A 67 -2.31 25.62 20.98
C THR A 67 -2.72 25.73 19.52
N ASP A 68 -1.69 25.84 18.69
CA ASP A 68 -1.84 25.95 17.24
C ASP A 68 -2.03 24.59 16.58
N GLU A 69 -1.83 23.53 17.33
CA GLU A 69 -1.94 22.19 16.78
C GLU A 69 -3.33 21.62 16.53
N CYS A 70 -4.28 21.88 17.43
CA CYS A 70 -5.60 21.30 17.24
C CYS A 70 -6.74 22.07 17.89
N LEU A 71 -7.96 21.59 17.62
CA LEU A 71 -9.18 22.18 18.15
C LEU A 71 -10.16 21.08 18.54
N TRP A 72 -10.88 21.30 19.64
CA TRP A 72 -11.89 20.36 20.08
C TRP A 72 -13.15 20.82 19.34
N ALA A 73 -13.75 19.92 18.57
CA ALA A 73 -14.93 20.24 17.75
C ALA A 73 -16.23 20.55 18.48
N TRP A 74 -16.37 20.12 19.73
CA TRP A 74 -17.61 20.38 20.44
C TRP A 74 -17.39 21.39 21.55
N GLN A 75 -17.47 22.65 21.15
CA GLN A 75 -17.25 23.80 22.03
C GLN A 75 -18.29 23.94 23.14
N LYS A 76 -19.39 23.21 23.05
CA LYS A 76 -20.42 23.29 24.08
C LYS A 76 -19.97 22.54 25.33
N ASN A 77 -18.99 21.64 25.16
CA ASN A 77 -18.49 20.88 26.30
C ASN A 77 -17.94 21.84 27.35
N GLN A 78 -18.22 21.55 28.61
CA GLN A 78 -17.78 22.37 29.72
C GLN A 78 -16.30 22.72 29.67
N ASP A 79 -16.00 24.01 29.85
CA ASP A 79 -14.64 24.50 29.89
C ASP A 79 -13.82 24.36 28.60
N ILE A 80 -14.46 24.01 27.50
CA ILE A 80 -13.74 23.87 26.23
C ILE A 80 -13.41 25.22 25.60
N PRO A 81 -14.37 26.16 25.57
CA PRO A 81 -14.08 27.46 24.98
C PRO A 81 -12.91 28.12 25.71
N GLN A 82 -12.88 27.94 27.03
CA GLN A 82 -11.82 28.50 27.87
C GLN A 82 -10.44 27.97 27.47
N LEU A 83 -10.30 26.64 27.42
CA LEU A 83 -9.04 26.02 27.03
C LEU A 83 -8.68 26.33 25.59
N THR A 84 -9.69 26.40 24.74
CA THR A 84 -9.48 26.67 23.33
C THR A 84 -8.93 28.08 23.07
N SER A 85 -9.46 29.05 23.81
CA SER A 85 -9.08 30.44 23.64
C SER A 85 -8.10 30.99 24.67
N ILE A 86 -7.59 30.13 25.54
CA ILE A 86 -6.68 30.58 26.60
C ILE A 86 -7.38 31.66 27.41
N SER A 87 -8.58 31.35 27.90
CA SER A 87 -9.35 32.30 28.68
C SER A 87 -9.97 31.65 29.91
N TRP A 88 -9.30 30.64 30.46
CA TRP A 88 -9.78 29.95 31.64
C TRP A 88 -9.56 30.79 32.89
N SER A 89 -10.14 30.34 34.00
CA SER A 89 -10.02 31.02 35.28
C SER A 89 -9.77 29.97 36.34
N PRO A 90 -9.54 30.39 37.60
CA PRO A 90 -9.28 29.43 38.69
C PRO A 90 -10.39 28.40 38.91
N SER A 91 -11.58 28.66 38.36
CA SER A 91 -12.68 27.70 38.53
C SER A 91 -12.72 26.70 37.38
N SER A 92 -11.73 26.76 36.50
CA SER A 92 -11.64 25.86 35.36
C SER A 92 -11.72 24.39 35.79
N GLN A 93 -12.71 23.68 35.27
CA GLN A 93 -12.87 22.27 35.60
C GLN A 93 -11.72 21.41 35.06
N ARG A 94 -11.27 21.70 33.84
CA ARG A 94 -10.19 20.93 33.24
C ARG A 94 -8.86 21.18 33.92
N THR A 95 -8.70 22.36 34.52
CA THR A 95 -7.48 22.68 35.24
C THR A 95 -7.52 21.91 36.55
N GLU A 96 -8.71 21.82 37.15
CA GLU A 96 -8.86 21.09 38.39
C GLU A 96 -8.58 19.61 38.15
N TRP A 97 -9.06 19.09 37.02
CA TRP A 97 -8.85 17.68 36.70
C TRP A 97 -7.37 17.29 36.61
N VAL A 98 -6.58 18.07 35.87
CA VAL A 98 -5.17 17.74 35.73
C VAL A 98 -4.41 17.96 37.03
N TYR A 99 -4.80 19.01 37.76
CA TYR A 99 -4.17 19.34 39.03
C TYR A 99 -4.40 18.23 40.05
N VAL A 100 -5.65 17.80 40.17
CA VAL A 100 -6.02 16.76 41.10
C VAL A 100 -5.46 15.39 40.70
N ARG A 101 -5.44 15.12 39.41
CA ARG A 101 -4.91 13.85 38.92
C ARG A 101 -3.40 13.73 39.20
N LEU A 102 -2.65 14.79 38.90
CA LEU A 102 -1.21 14.77 39.14
C LEU A 102 -0.92 14.58 40.63
N GLY A 103 -1.72 15.24 41.46
CA GLY A 103 -1.54 15.14 42.89
C GLY A 103 -1.87 13.77 43.43
N TYR A 104 -2.96 13.17 42.92
CA TYR A 104 -3.36 11.85 43.36
C TYR A 104 -2.28 10.82 43.01
N ASP A 105 -1.76 10.89 41.79
CA ASP A 105 -0.72 9.96 41.37
C ASP A 105 0.48 10.03 42.30
N ILE A 106 0.89 11.26 42.64
CA ILE A 106 2.04 11.46 43.50
C ILE A 106 1.80 10.89 44.90
N THR A 107 0.59 11.00 45.42
CA THR A 107 0.30 10.46 46.74
C THR A 107 0.49 8.96 46.69
N GLN A 108 0.09 8.34 45.59
CA GLN A 108 0.25 6.90 45.45
C GLN A 108 1.73 6.53 45.43
N TYR A 109 2.55 7.34 44.78
CA TYR A 109 3.99 7.08 44.74
C TYR A 109 4.58 7.27 46.13
N ASN A 110 4.19 8.35 46.81
CA ASN A 110 4.69 8.61 48.15
C ASN A 110 4.34 7.46 49.08
N PHE A 111 3.18 6.87 48.85
CA PHE A 111 2.72 5.74 49.65
C PHE A 111 3.63 4.54 49.44
N PHE A 112 3.98 4.29 48.19
CA PHE A 112 4.86 3.17 47.86
C PHE A 112 6.24 3.37 48.47
N LEU A 113 6.73 4.59 48.38
CA LEU A 113 8.06 4.92 48.93
C LEU A 113 8.07 4.83 50.45
N ASP A 114 6.96 5.20 51.10
CA ASP A 114 6.90 5.13 52.56
C ASP A 114 6.87 3.66 53.00
N GLN A 115 6.09 2.84 52.30
CA GLN A 115 5.97 1.43 52.65
C GLN A 115 7.24 0.62 52.40
N THR A 116 8.08 1.07 51.46
CA THR A 116 9.31 0.35 51.16
C THR A 116 10.54 1.06 51.71
N GLU A 117 10.32 2.08 52.53
CA GLU A 117 11.43 2.84 53.10
C GLU A 117 12.33 1.95 53.96
N GLY A 118 13.63 2.05 53.75
CA GLY A 118 14.56 1.25 54.52
C GLY A 118 14.93 -0.09 53.90
N MET A 119 14.15 -0.50 52.91
CA MET A 119 14.40 -1.76 52.22
C MET A 119 15.62 -1.59 51.33
N THR A 120 16.57 -2.53 51.43
CA THR A 120 17.79 -2.44 50.66
C THR A 120 18.01 -3.52 49.60
N ASP A 121 17.08 -4.44 49.43
CA ASP A 121 17.27 -5.48 48.43
C ASP A 121 17.29 -4.82 47.04
N ALA A 122 18.02 -5.42 46.11
CA ALA A 122 18.15 -4.88 44.76
C ALA A 122 16.83 -4.64 44.03
N GLU A 123 15.88 -5.54 44.19
CA GLU A 123 14.57 -5.40 43.54
C GLU A 123 13.87 -4.12 43.99
N THR A 124 13.74 -3.95 45.31
CA THR A 124 13.08 -2.77 45.84
C THR A 124 13.82 -1.50 45.44
N LEU A 125 15.16 -1.55 45.46
CA LEU A 125 15.92 -0.36 45.08
C LEU A 125 15.57 0.07 43.66
N ARG A 126 15.42 -0.90 42.77
CA ARG A 126 15.09 -0.58 41.39
C ARG A 126 13.68 -0.01 41.34
N GLN A 127 12.76 -0.67 42.03
CA GLN A 127 11.37 -0.23 42.06
C GLN A 127 11.26 1.20 42.58
N ARG A 128 11.92 1.47 43.71
CA ARG A 128 11.90 2.80 44.31
C ARG A 128 12.47 3.84 43.36
N ALA A 129 13.56 3.49 42.66
CA ALA A 129 14.18 4.39 41.72
C ALA A 129 13.19 4.76 40.63
N GLU A 130 12.49 3.76 40.10
CA GLU A 130 11.50 4.00 39.06
C GLU A 130 10.28 4.75 39.57
N ILE A 131 9.85 4.47 40.79
CA ILE A 131 8.69 5.18 41.35
C ILE A 131 9.08 6.64 41.54
N ARG A 132 10.31 6.88 41.98
CA ARG A 132 10.76 8.26 42.18
C ARG A 132 10.88 8.94 40.81
N PHE A 133 11.16 8.16 39.78
CA PHE A 133 11.26 8.73 38.44
C PHE A 133 9.87 9.21 38.05
N LEU A 134 8.88 8.34 38.20
CA LEU A 134 7.50 8.66 37.87
C LEU A 134 7.00 9.87 38.67
N ARG A 135 7.36 9.94 39.94
CA ARG A 135 6.96 11.06 40.78
C ARG A 135 7.61 12.33 40.26
N ALA A 136 8.87 12.21 39.87
CA ALA A 136 9.63 13.34 39.33
C ALA A 136 8.96 13.83 38.05
N LEU A 137 8.55 12.88 37.21
CA LEU A 137 7.88 13.21 35.95
C LEU A 137 6.61 14.00 36.26
N HIS A 138 5.88 13.56 37.29
CA HIS A 138 4.65 14.24 37.66
C HIS A 138 4.94 15.66 38.19
N TYR A 139 6.00 15.80 38.97
CA TYR A 139 6.34 17.12 39.48
C TYR A 139 6.73 18.06 38.35
N TRP A 140 7.30 17.50 37.28
CA TRP A 140 7.68 18.33 36.14
C TRP A 140 6.40 18.91 35.55
N TYR A 141 5.38 18.07 35.44
CA TYR A 141 4.08 18.51 34.92
C TYR A 141 3.53 19.65 35.79
N PHE A 142 3.64 19.52 37.10
CA PHE A 142 3.18 20.58 37.99
C PHE A 142 3.98 21.84 37.72
N LEU A 143 5.30 21.68 37.66
CA LEU A 143 6.20 22.80 37.41
C LEU A 143 5.92 23.47 36.05
N ASP A 144 5.80 22.65 35.01
CA ASP A 144 5.57 23.19 33.67
C ASP A 144 4.20 23.83 33.49
N LEU A 145 3.18 23.23 34.09
CA LEU A 145 1.81 23.72 33.97
C LEU A 145 1.45 24.85 34.94
N PHE A 146 1.86 24.72 36.19
CA PHE A 146 1.51 25.70 37.22
C PHE A 146 2.67 26.53 37.79
N GLY A 147 3.89 26.16 37.45
CA GLY A 147 5.05 26.89 37.97
C GLY A 147 5.32 26.55 39.43
N LYS A 148 4.50 25.67 39.99
CA LYS A 148 4.63 25.27 41.39
C LYS A 148 3.85 23.99 41.60
N ALA A 149 3.86 23.47 42.82
CA ALA A 149 3.14 22.24 43.11
C ALA A 149 2.79 22.03 44.56
N PRO A 150 1.66 21.38 44.83
CA PRO A 150 1.26 21.12 46.22
C PRO A 150 2.23 19.99 46.58
N PHE A 151 3.28 20.34 47.32
CA PHE A 151 4.33 19.39 47.66
C PHE A 151 4.20 18.56 48.92
N LYS A 152 4.59 17.29 48.80
CA LYS A 152 4.61 16.32 49.89
C LYS A 152 5.61 15.23 49.51
N GLU A 153 6.53 14.96 50.42
CA GLU A 153 7.55 13.94 50.21
C GLU A 153 7.02 12.60 50.71
N HIS A 154 6.04 12.66 51.61
CA HIS A 154 5.46 11.46 52.20
C HIS A 154 3.95 11.37 52.12
N PHE A 155 3.43 10.19 52.45
CA PHE A 155 2.00 9.92 52.45
C PHE A 155 1.51 10.19 53.87
N SER A 156 0.56 11.12 54.03
CA SER A 156 0.02 11.45 55.34
C SER A 156 -1.20 12.34 55.21
N ASN A 157 -1.80 12.69 56.35
CA ASN A 157 -2.99 13.54 56.35
C ASN A 157 -2.65 15.03 56.33
N ASP A 158 -1.37 15.35 56.42
CA ASP A 158 -0.94 16.75 56.42
C ASP A 158 -1.19 17.42 55.07
N LEU A 159 -1.53 18.71 55.11
CA LEU A 159 -1.76 19.47 53.90
C LEU A 159 -0.45 19.65 53.17
N PRO A 160 -0.47 19.53 51.83
CA PRO A 160 0.78 19.70 51.10
C PRO A 160 1.24 21.15 51.30
N VAL A 161 2.53 21.39 51.15
CA VAL A 161 3.06 22.74 51.27
C VAL A 161 3.43 23.16 49.86
N GLU A 162 3.51 24.46 49.63
CA GLU A 162 3.84 24.93 48.30
C GLU A 162 5.34 24.90 48.02
N LYS A 163 5.72 24.30 46.89
CA LYS A 163 7.11 24.28 46.48
C LYS A 163 7.03 24.86 45.08
N LYS A 164 7.70 25.98 44.85
CA LYS A 164 7.61 26.63 43.55
C LYS A 164 8.91 26.86 42.79
N GLY A 165 8.73 27.36 41.57
CA GLY A 165 9.84 27.69 40.68
C GLY A 165 11.14 26.95 40.87
N THR A 166 12.18 27.71 41.17
CA THR A 166 13.53 27.19 41.34
C THR A 166 13.65 26.05 42.35
N GLU A 167 12.98 26.16 43.49
CA GLU A 167 13.04 25.09 44.48
C GLU A 167 12.50 23.78 43.92
N LEU A 168 11.36 23.85 43.24
CA LEU A 168 10.74 22.66 42.66
C LEU A 168 11.67 22.13 41.56
N TYR A 169 12.17 23.03 40.73
CA TYR A 169 13.08 22.64 39.65
C TYR A 169 14.26 21.88 40.23
N THR A 170 14.88 22.45 41.26
CA THR A 170 16.02 21.84 41.92
C THR A 170 15.68 20.49 42.53
N TYR A 171 14.50 20.37 43.12
CA TYR A 171 14.09 19.11 43.72
C TYR A 171 13.97 18.01 42.67
N ILE A 172 13.34 18.33 41.54
CA ILE A 172 13.17 17.35 40.46
C ILE A 172 14.54 16.91 39.91
N GLN A 173 15.41 17.86 39.61
CA GLN A 173 16.73 17.52 39.10
C GLN A 173 17.49 16.64 40.09
N ASN A 174 17.42 16.97 41.37
CA ASN A 174 18.12 16.18 42.38
C ASN A 174 17.54 14.77 42.46
N GLU A 175 16.21 14.66 42.37
CA GLU A 175 15.56 13.35 42.42
C GLU A 175 16.12 12.46 41.31
N LEU A 176 16.10 12.98 40.09
CA LEU A 176 16.58 12.25 38.92
C LEU A 176 18.06 11.90 39.04
N ASN A 177 18.85 12.83 39.58
CA ASN A 177 20.28 12.62 39.74
C ASN A 177 20.58 11.51 40.75
N GLU A 178 19.83 11.50 41.86
CA GLU A 178 20.01 10.51 42.91
C GLU A 178 19.61 9.08 42.53
N ILE A 179 18.53 8.95 41.77
CA ILE A 179 18.03 7.62 41.38
C ILE A 179 18.65 7.01 40.13
N GLU A 180 19.40 7.80 39.37
CA GLU A 180 19.99 7.29 38.14
C GLU A 180 20.75 5.97 38.27
N ALA A 181 21.70 5.94 39.19
CA ALA A 181 22.53 4.76 39.38
C ALA A 181 21.76 3.45 39.55
N ASP A 182 20.56 3.50 40.12
CA ASP A 182 19.77 2.29 40.34
C ASP A 182 18.87 1.87 39.19
N MET A 183 18.73 2.74 38.19
CA MET A 183 17.87 2.42 37.06
C MET A 183 18.51 1.53 36.01
N TYR A 184 17.66 0.89 35.21
CA TYR A 184 18.10 0.01 34.15
C TYR A 184 18.96 0.71 33.11
N GLU A 185 19.89 -0.03 32.52
CA GLU A 185 20.73 0.52 31.46
C GLU A 185 19.77 0.76 30.29
N PRO A 186 20.11 1.71 29.40
CA PRO A 186 19.21 1.97 28.27
C PRO A 186 18.79 0.71 27.51
N ARG A 187 17.48 0.59 27.32
CA ARG A 187 16.85 -0.53 26.62
C ARG A 187 17.00 -1.91 27.28
N GLN A 188 17.34 -1.93 28.57
CA GLN A 188 17.49 -3.21 29.25
C GLN A 188 16.31 -3.50 30.17
N ALA A 189 15.49 -2.48 30.42
CA ALA A 189 14.32 -2.63 31.29
C ALA A 189 13.16 -3.27 30.54
N PRO A 190 12.27 -3.96 31.27
CA PRO A 190 11.12 -4.57 30.61
C PRO A 190 10.36 -3.45 29.92
N PHE A 191 9.90 -3.69 28.70
CA PHE A 191 9.20 -2.67 27.93
C PHE A 191 8.03 -2.09 28.72
N GLY A 192 8.05 -0.77 28.89
CA GLY A 192 7.01 -0.10 29.64
C GLY A 192 7.59 0.55 30.89
N ARG A 193 8.77 0.11 31.30
CA ARG A 193 9.43 0.66 32.48
C ARG A 193 10.52 1.66 32.09
N ALA A 194 10.81 2.58 33.01
CA ALA A 194 11.80 3.63 32.77
C ALA A 194 13.24 3.22 33.07
N ASP A 195 14.14 3.49 32.12
CA ASP A 195 15.56 3.19 32.31
C ASP A 195 16.34 4.48 32.47
N LYS A 196 17.66 4.39 32.47
CA LYS A 196 18.51 5.57 32.63
C LYS A 196 18.29 6.63 31.55
N ALA A 197 17.97 6.20 30.33
CA ALA A 197 17.76 7.15 29.24
C ALA A 197 16.50 8.01 29.45
N ALA A 198 15.48 7.41 30.07
CA ALA A 198 14.24 8.12 30.37
C ALA A 198 14.58 9.19 31.39
N ASN A 199 15.47 8.83 32.31
CA ASN A 199 15.95 9.74 33.35
C ASN A 199 16.68 10.91 32.67
N TRP A 200 17.65 10.59 31.82
CA TRP A 200 18.43 11.62 31.13
C TRP A 200 17.56 12.52 30.25
N LEU A 201 16.62 11.91 29.53
CA LEU A 201 15.75 12.69 28.66
C LEU A 201 14.95 13.69 29.47
N LEU A 202 14.41 13.27 30.61
CA LEU A 202 13.61 14.19 31.44
C LEU A 202 14.49 15.32 31.98
N ARG A 203 15.74 15.01 32.32
CA ARG A 203 16.63 16.05 32.83
C ARG A 203 16.93 17.02 31.69
N ALA A 204 17.14 16.49 30.48
CA ALA A 204 17.43 17.32 29.33
C ALA A 204 16.26 18.26 29.12
N ARG A 205 15.04 17.73 29.29
CA ARG A 205 13.84 18.52 29.13
C ARG A 205 13.79 19.64 30.16
N LEU A 206 14.11 19.29 31.41
CA LEU A 206 14.11 20.25 32.50
C LEU A 206 15.13 21.35 32.25
N TYR A 207 16.35 20.95 31.86
CA TYR A 207 17.41 21.91 31.59
C TYR A 207 17.06 22.83 30.43
N LEU A 208 16.38 22.29 29.42
CA LEU A 208 16.00 23.08 28.26
C LEU A 208 15.04 24.19 28.70
N ASN A 209 14.13 23.85 29.61
CA ASN A 209 13.15 24.80 30.13
C ASN A 209 13.61 25.51 31.39
N ALA A 210 14.88 25.39 31.75
CA ALA A 210 15.39 26.02 32.97
C ALA A 210 15.16 27.53 33.00
N GLY A 211 15.25 28.16 31.83
CA GLY A 211 15.04 29.59 31.76
C GLY A 211 13.62 29.95 32.19
N VAL A 212 12.67 29.12 31.81
CA VAL A 212 11.28 29.36 32.17
C VAL A 212 11.00 29.10 33.64
N TYR A 213 11.55 28.01 34.17
CA TYR A 213 11.31 27.65 35.57
C TYR A 213 12.15 28.38 36.60
N THR A 214 13.37 28.77 36.24
CA THR A 214 14.25 29.43 37.20
C THR A 214 14.70 30.84 36.82
N GLY A 215 14.44 31.23 35.57
CA GLY A 215 14.85 32.54 35.13
C GLY A 215 16.28 32.50 34.62
N GLN A 216 16.94 31.36 34.77
CA GLN A 216 18.31 31.19 34.30
C GLN A 216 18.37 29.97 33.39
N THR A 217 18.75 30.20 32.14
CA THR A 217 18.85 29.12 31.17
C THR A 217 20.03 28.21 31.49
N ASP A 218 20.04 27.02 30.91
CA ASP A 218 21.12 26.07 31.13
C ASP A 218 21.16 25.16 29.91
N TYR A 219 21.34 25.77 28.75
CA TYR A 219 21.37 25.04 27.50
C TYR A 219 22.53 24.07 27.37
N ALA A 220 23.64 24.36 28.03
CA ALA A 220 24.79 23.47 27.98
C ALA A 220 24.41 22.13 28.59
N LYS A 221 23.70 22.17 29.71
CA LYS A 221 23.27 20.95 30.38
C LYS A 221 22.19 20.23 29.56
N ALA A 222 21.32 20.99 28.91
CA ALA A 222 20.28 20.41 28.09
C ALA A 222 20.94 19.62 26.98
N GLU A 223 21.92 20.24 26.35
CA GLU A 223 22.67 19.62 25.26
C GLU A 223 23.36 18.36 25.77
N GLU A 224 24.08 18.49 26.88
CA GLU A 224 24.81 17.37 27.47
C GLU A 224 23.93 16.15 27.73
N TYR A 225 22.78 16.35 28.36
CA TYR A 225 21.92 15.22 28.67
C TYR A 225 21.22 14.65 27.45
N ALA A 226 20.93 15.51 26.47
CA ALA A 226 20.30 15.05 25.24
C ALA A 226 21.31 14.15 24.51
N SER A 227 22.58 14.52 24.56
CA SER A 227 23.65 13.74 23.93
C SER A 227 23.78 12.37 24.60
N LYS A 228 23.56 12.31 25.90
CA LYS A 228 23.63 11.04 26.61
C LYS A 228 22.55 10.11 26.09
N VAL A 229 21.37 10.65 25.82
CA VAL A 229 20.28 9.83 25.31
C VAL A 229 20.63 9.39 23.88
N ILE A 230 21.03 10.34 23.05
CA ILE A 230 21.39 10.04 21.67
C ILE A 230 22.54 9.04 21.58
N GLY A 231 23.43 9.07 22.56
CA GLY A 231 24.56 8.14 22.56
C GLY A 231 24.21 6.77 23.11
N SER A 232 22.98 6.60 23.60
CA SER A 232 22.57 5.31 24.15
C SER A 232 22.19 4.32 23.06
N ALA A 233 21.71 3.14 23.47
CA ALA A 233 21.31 2.10 22.54
C ALA A 233 20.07 2.48 21.71
N TYR A 234 19.35 3.51 22.15
CA TYR A 234 18.16 3.94 21.43
C TYR A 234 18.52 4.48 20.05
N LYS A 235 17.64 4.23 19.09
CA LYS A 235 17.84 4.69 17.71
C LYS A 235 16.51 5.17 17.14
N LEU A 236 16.56 5.89 16.02
CA LEU A 236 15.34 6.40 15.41
C LEU A 236 14.63 5.38 14.52
N CYS A 237 13.31 5.32 14.66
CA CYS A 237 12.50 4.43 13.84
C CYS A 237 12.63 4.92 12.40
N THR A 238 12.80 4.00 11.45
CA THR A 238 12.97 4.37 10.05
C THR A 238 11.67 4.72 9.33
N ASN A 239 10.54 4.39 9.94
CA ASN A 239 9.24 4.70 9.36
C ASN A 239 8.47 5.42 10.46
N TYR A 240 8.40 6.75 10.34
CA TYR A 240 7.73 7.58 11.33
C TYR A 240 6.35 7.11 11.79
N SER A 241 5.47 6.82 10.84
CA SER A 241 4.12 6.38 11.17
C SER A 241 4.06 5.19 12.11
N GLU A 242 5.01 4.28 12.00
CA GLU A 242 5.04 3.08 12.83
C GLU A 242 5.12 3.35 14.33
N LEU A 243 5.62 4.52 14.71
CA LEU A 243 5.72 4.87 16.12
C LEU A 243 4.34 5.04 16.76
N PHE A 244 3.34 5.25 15.92
CA PHE A 244 1.99 5.48 16.42
C PHE A 244 0.98 4.46 15.90
N MET A 245 1.45 3.24 15.66
CA MET A 245 0.58 2.19 15.17
C MET A 245 0.34 1.10 16.21
N ALA A 246 -0.62 0.23 15.93
CA ALA A 246 -1.02 -0.83 16.85
C ALA A 246 0.06 -1.79 17.35
N ASP A 247 1.09 -2.01 16.53
CA ASP A 247 2.16 -2.91 16.92
C ASP A 247 3.43 -2.21 17.40
N ASN A 248 3.30 -0.97 17.88
CA ASN A 248 4.48 -0.25 18.34
C ASN A 248 5.11 -0.81 19.62
N ASP A 249 4.57 -1.94 20.08
CA ASP A 249 5.11 -2.62 21.26
C ASP A 249 5.56 -4.03 20.86
N GLU A 250 5.56 -4.30 19.56
CA GLU A 250 5.97 -5.59 19.03
C GLU A 250 6.64 -5.37 17.67
N ASN A 251 7.30 -4.22 17.55
CA ASN A 251 8.01 -3.85 16.33
C ASN A 251 9.29 -3.15 16.71
N GLU A 252 10.42 -3.83 16.49
CA GLU A 252 11.73 -3.29 16.84
C GLU A 252 11.97 -1.93 16.24
N ASN A 253 11.52 -1.74 15.01
CA ASN A 253 11.75 -0.47 14.33
C ASN A 253 11.23 0.67 15.18
N ALA A 254 10.03 0.49 15.76
CA ALA A 254 9.43 1.52 16.59
C ALA A 254 9.99 1.52 18.02
N MET A 255 10.09 0.33 18.61
CA MET A 255 10.58 0.20 19.99
C MET A 255 11.99 0.73 20.24
N GLN A 256 12.85 0.65 19.23
CA GLN A 256 14.22 1.12 19.40
C GLN A 256 14.26 2.63 19.71
N GLU A 257 13.17 3.32 19.39
CA GLU A 257 13.10 4.77 19.63
C GLU A 257 12.27 5.16 20.86
N ILE A 258 11.34 4.30 21.23
CA ILE A 258 10.44 4.58 22.36
C ILE A 258 11.09 4.34 23.71
N ILE A 259 11.56 5.44 24.31
CA ILE A 259 12.23 5.41 25.62
C ILE A 259 11.26 5.15 26.78
N LEU A 260 10.00 5.56 26.62
CA LEU A 260 9.01 5.33 27.66
C LEU A 260 7.63 5.27 27.06
N PRO A 261 7.07 4.06 26.95
CA PRO A 261 5.73 3.96 26.38
C PRO A 261 4.69 3.84 27.49
N ILE A 262 3.47 4.20 27.17
CA ILE A 262 2.37 4.06 28.11
C ILE A 262 1.66 2.88 27.46
N ARG A 263 1.76 1.72 28.08
CA ARG A 263 1.15 0.53 27.50
C ARG A 263 -0.36 0.68 27.40
N GLN A 264 -0.90 0.31 26.23
CA GLN A 264 -2.32 0.35 25.97
C GLN A 264 -2.63 -0.93 25.20
N ASP A 265 -3.78 -1.52 25.47
CA ASP A 265 -4.17 -2.74 24.79
C ASP A 265 -5.68 -2.74 24.61
N GLY A 266 -6.11 -3.13 23.41
CA GLY A 266 -7.53 -3.15 23.09
C GLY A 266 -8.43 -3.97 24.00
N VAL A 267 -7.91 -5.02 24.60
CA VAL A 267 -8.74 -5.85 25.46
C VAL A 267 -8.44 -5.69 26.95
N LYS A 268 -7.16 -5.59 27.30
CA LYS A 268 -6.76 -5.48 28.70
C LYS A 268 -6.61 -4.09 29.29
N THR A 269 -5.98 -3.18 28.54
CA THR A 269 -5.72 -1.84 29.01
C THR A 269 -6.48 -0.79 28.20
N ARG A 270 -7.70 -0.50 28.65
CA ARG A 270 -8.55 0.47 27.99
C ARG A 270 -8.64 1.77 28.78
N ASN A 271 -8.59 2.89 28.08
CA ASN A 271 -8.69 4.20 28.70
C ASN A 271 -9.29 5.15 27.67
N TYR A 272 -10.48 5.67 27.98
CA TYR A 272 -11.13 6.60 27.05
C TYR A 272 -10.23 7.79 26.80
N GLY A 273 -9.30 8.02 27.73
CA GLY A 273 -8.38 9.13 27.59
C GLY A 273 -6.99 8.70 27.16
N GLY A 274 -6.85 7.44 26.78
CA GLY A 274 -5.54 6.96 26.34
C GLY A 274 -5.42 6.95 24.84
N SER A 275 -4.88 5.88 24.27
CA SER A 275 -4.75 5.80 22.82
C SER A 275 -6.14 5.78 22.18
N THR A 276 -7.14 5.41 22.97
CA THR A 276 -8.52 5.39 22.46
C THR A 276 -8.89 6.83 22.10
N TYR A 277 -8.47 7.76 22.95
CA TYR A 277 -8.73 9.18 22.77
C TYR A 277 -8.03 9.72 21.52
N LEU A 278 -6.81 9.26 21.28
CA LEU A 278 -6.02 9.71 20.14
C LEU A 278 -6.51 9.13 18.81
N VAL A 279 -7.08 7.93 18.85
CA VAL A 279 -7.59 7.29 17.64
C VAL A 279 -9.06 7.59 17.39
N CYS A 280 -9.92 7.24 18.35
CA CYS A 280 -11.36 7.48 18.21
C CYS A 280 -11.69 8.97 18.14
N GLY A 281 -11.03 9.76 18.97
CA GLY A 281 -11.28 11.19 18.99
C GLY A 281 -10.90 11.98 17.75
N THR A 282 -10.09 11.39 16.89
CA THR A 282 -9.65 12.10 15.67
C THR A 282 -10.34 11.56 14.41
N ARG A 283 -11.25 10.61 14.59
CA ARG A 283 -11.93 10.02 13.44
C ARG A 283 -13.45 10.23 13.46
N VAL A 284 -14.07 10.09 12.30
CA VAL A 284 -15.52 10.22 12.14
C VAL A 284 -15.93 9.22 11.07
N ALA A 285 -17.16 8.70 11.18
CA ALA A 285 -17.66 7.74 10.21
C ALA A 285 -17.46 8.25 8.79
N GLY A 286 -17.05 7.37 7.89
CA GLY A 286 -16.84 7.78 6.51
C GLY A 286 -15.37 7.89 6.17
N MET A 287 -14.53 8.16 7.17
CA MET A 287 -13.11 8.25 6.92
C MET A 287 -12.57 6.86 6.62
N PRO A 288 -11.69 6.74 5.61
CA PRO A 288 -11.16 5.41 5.29
C PRO A 288 -10.17 4.95 6.35
N ARG A 289 -10.14 3.65 6.59
CA ARG A 289 -9.24 3.05 7.57
C ARG A 289 -9.29 3.72 8.94
N MET A 290 -10.46 3.71 9.56
CA MET A 290 -10.63 4.32 10.87
C MET A 290 -9.90 3.54 11.94
N GLY A 291 -9.81 2.23 11.74
CA GLY A 291 -9.11 1.40 12.72
C GLY A 291 -9.96 1.19 13.96
N THR A 292 -11.21 1.67 13.90
CA THR A 292 -12.13 1.53 15.01
C THR A 292 -13.58 1.65 14.54
N THR A 293 -14.48 1.09 15.33
CA THR A 293 -15.91 1.12 15.00
C THR A 293 -16.52 2.44 15.45
N ASN A 294 -15.80 3.18 16.30
CA ASN A 294 -16.33 4.43 16.81
C ASN A 294 -15.49 5.68 16.57
N GLY A 295 -16.00 6.57 15.74
CA GLY A 295 -15.31 7.82 15.47
C GLY A 295 -15.99 8.92 16.26
N TRP A 296 -15.26 9.57 17.16
CA TRP A 296 -15.84 10.62 18.00
C TRP A 296 -15.89 12.01 17.38
N SER A 297 -15.13 12.20 16.30
CA SER A 297 -15.07 13.49 15.61
C SER A 297 -14.89 14.66 16.59
N CYS A 298 -13.82 14.61 17.38
CA CYS A 298 -13.53 15.65 18.36
C CYS A 298 -12.30 16.50 18.07
N ILE A 299 -11.18 15.84 17.80
CA ILE A 299 -9.93 16.54 17.56
C ILE A 299 -9.53 16.67 16.10
N PHE A 300 -9.29 17.90 15.67
CA PHE A 300 -8.87 18.16 14.30
C PHE A 300 -7.78 19.25 14.28
N ALA A 301 -7.08 19.37 13.17
CA ALA A 301 -5.99 20.34 13.05
C ALA A 301 -6.40 21.77 12.77
N ARG A 302 -5.71 22.72 13.39
CA ARG A 302 -5.99 24.12 13.13
C ARG A 302 -5.23 24.43 11.84
N ALA A 303 -5.59 25.51 11.17
CA ALA A 303 -4.93 25.87 9.94
C ALA A 303 -3.42 26.02 10.17
N ALA A 304 -3.05 26.60 11.31
CA ALA A 304 -1.63 26.81 11.63
C ALA A 304 -0.85 25.49 11.70
N MET A 305 -1.52 24.41 12.08
CA MET A 305 -0.85 23.11 12.17
C MET A 305 -0.54 22.62 10.76
N VAL A 306 -1.53 22.76 9.88
CA VAL A 306 -1.37 22.36 8.49
C VAL A 306 -0.27 23.19 7.83
N GLN A 307 -0.16 24.45 8.23
CA GLN A 307 0.83 25.34 7.64
C GLN A 307 2.25 24.92 8.03
N LYS A 308 2.37 24.07 9.04
CA LYS A 308 3.68 23.58 9.48
C LYS A 308 4.27 22.69 8.38
N PHE A 309 3.40 22.06 7.59
CA PHE A 309 3.83 21.21 6.49
C PHE A 309 3.71 21.93 5.15
N PHE A 310 2.81 22.91 5.09
CA PHE A 310 2.60 23.70 3.87
C PHE A 310 2.67 25.19 4.21
N SER A 311 3.85 25.80 4.04
CA SER A 311 4.03 27.22 4.34
C SER A 311 2.95 28.04 3.65
N ASN A 312 2.66 27.68 2.39
CA ASN A 312 1.63 28.34 1.62
C ASN A 312 0.44 27.38 1.62
N LEU A 313 -0.58 27.71 2.40
CA LEU A 313 -1.75 26.85 2.51
C LEU A 313 -2.44 26.57 1.18
N GLU A 314 -2.05 27.30 0.14
CA GLU A 314 -2.64 27.08 -1.17
C GLU A 314 -2.11 25.80 -1.79
N ASP A 315 -0.98 25.31 -1.29
CA ASP A 315 -0.38 24.07 -1.81
C ASP A 315 -1.01 22.82 -1.19
N VAL A 316 -1.88 23.02 -0.19
CA VAL A 316 -2.53 21.91 0.49
C VAL A 316 -3.56 21.24 -0.43
N PRO A 317 -3.41 19.92 -0.67
CA PRO A 317 -4.37 19.21 -1.53
C PRO A 317 -5.78 19.36 -0.97
N MET A 318 -6.67 19.94 -1.76
CA MET A 318 -8.05 20.15 -1.34
C MET A 318 -9.03 19.87 -2.45
N LEU A 319 -10.23 19.44 -2.07
CA LEU A 319 -11.28 19.19 -3.05
C LEU A 319 -11.79 20.56 -3.47
N PRO A 320 -11.96 20.77 -4.79
CA PRO A 320 -12.45 22.07 -5.26
C PRO A 320 -13.85 22.33 -4.68
N ALA A 321 -14.12 23.58 -4.34
CA ALA A 321 -15.41 23.96 -3.77
C ALA A 321 -16.57 23.65 -4.72
N ASP A 322 -16.33 23.75 -6.01
CA ASP A 322 -17.37 23.51 -7.00
C ASP A 322 -17.58 22.05 -7.36
N VAL A 323 -16.89 21.15 -6.66
CA VAL A 323 -17.05 19.73 -6.91
C VAL A 323 -17.94 19.15 -5.82
N GLU A 324 -19.11 18.65 -6.20
CA GLU A 324 -20.04 18.08 -5.23
C GLU A 324 -19.61 16.72 -4.73
N ILE A 325 -19.95 16.43 -3.48
CA ILE A 325 -19.65 15.15 -2.88
C ILE A 325 -20.94 14.34 -2.97
N PRO A 326 -20.94 13.24 -3.73
CA PRO A 326 -22.13 12.40 -3.90
C PRO A 326 -22.66 11.89 -2.57
N THR A 327 -23.99 11.75 -2.49
CA THR A 327 -24.64 11.24 -1.28
C THR A 327 -24.80 9.73 -1.41
N LYS A 328 -24.40 9.21 -2.57
CA LYS A 328 -24.48 7.78 -2.87
C LYS A 328 -23.19 7.30 -3.54
N GLY A 329 -22.81 6.05 -3.28
CA GLY A 329 -21.61 5.51 -3.90
C GLY A 329 -20.33 5.79 -3.12
N LEU A 330 -20.48 6.19 -1.87
CA LEU A 330 -19.34 6.47 -1.02
C LEU A 330 -19.61 5.85 0.34
N ASP A 331 -19.86 4.54 0.35
CA ASP A 331 -20.16 3.84 1.58
C ASP A 331 -19.00 2.99 2.08
N THR A 332 -18.07 2.67 1.18
CA THR A 332 -16.93 1.85 1.56
C THR A 332 -15.60 2.59 1.45
N ASP A 333 -14.59 2.05 2.12
CA ASP A 333 -13.24 2.63 2.10
C ASP A 333 -12.71 2.68 0.67
N GLU A 334 -12.97 1.62 -0.07
CA GLU A 334 -12.54 1.52 -1.46
C GLU A 334 -13.15 2.65 -2.30
N GLN A 335 -14.44 2.89 -2.12
CA GLN A 335 -15.12 3.96 -2.87
C GLN A 335 -14.58 5.33 -2.46
N ILE A 336 -14.39 5.51 -1.17
CA ILE A 336 -13.87 6.77 -0.64
C ILE A 336 -12.46 7.04 -1.17
N ASP A 337 -11.61 6.02 -1.13
CA ASP A 337 -10.24 6.15 -1.61
C ASP A 337 -10.21 6.51 -3.09
N ALA A 338 -11.02 5.82 -3.89
CA ALA A 338 -11.05 6.09 -5.32
C ALA A 338 -11.44 7.55 -5.58
N PHE A 339 -12.46 8.01 -4.88
CA PHE A 339 -12.89 9.39 -5.06
C PHE A 339 -11.77 10.35 -4.64
N ASP A 340 -11.13 10.05 -3.51
CA ASP A 340 -10.04 10.90 -3.03
C ASP A 340 -8.88 10.88 -4.01
N ALA A 341 -8.62 9.73 -4.61
CA ALA A 341 -7.53 9.60 -5.55
C ALA A 341 -7.76 10.49 -6.75
N GLU A 342 -8.98 10.47 -7.27
CA GLU A 342 -9.34 11.28 -8.42
C GLU A 342 -9.12 12.77 -8.16
N HIS A 343 -9.24 13.19 -6.91
CA HIS A 343 -9.05 14.59 -6.58
C HIS A 343 -7.75 14.85 -5.81
N GLY A 344 -6.86 13.87 -5.85
CA GLY A 344 -5.57 13.99 -5.18
C GLY A 344 -5.63 14.32 -3.70
N ILE A 345 -6.65 13.82 -3.00
CA ILE A 345 -6.78 14.11 -1.58
C ILE A 345 -6.73 12.93 -0.62
N ARG A 346 -6.04 11.87 -1.00
CA ARG A 346 -5.88 10.72 -0.11
C ARG A 346 -4.75 11.18 0.79
N THR A 347 -4.66 10.63 2.00
CA THR A 347 -3.60 11.01 2.91
C THR A 347 -2.22 10.76 2.26
N GLU A 348 -2.11 9.70 1.46
CA GLU A 348 -0.83 9.43 0.83
C GLU A 348 -0.52 10.57 -0.14
N ASP A 349 -1.58 11.18 -0.70
CA ASP A 349 -1.41 12.30 -1.61
C ASP A 349 -1.01 13.54 -0.80
N MET A 350 -1.56 13.64 0.41
CA MET A 350 -1.25 14.74 1.31
C MET A 350 0.24 14.69 1.66
N ILE A 351 0.72 13.49 1.97
CA ILE A 351 2.11 13.27 2.33
C ILE A 351 3.04 13.61 1.17
N LYS A 352 2.70 13.14 -0.02
CA LYS A 352 3.51 13.41 -1.20
C LYS A 352 3.63 14.92 -1.44
N ALA A 353 2.50 15.62 -1.37
CA ALA A 353 2.47 17.06 -1.57
C ALA A 353 3.32 17.80 -0.53
N ALA A 354 3.26 17.33 0.72
CA ALA A 354 4.02 17.97 1.79
C ALA A 354 5.52 17.65 1.72
N GLY A 355 5.86 16.54 1.08
CA GLY A 355 7.26 16.14 1.01
C GLY A 355 7.76 15.84 2.41
N ASP A 356 6.87 15.30 3.25
CA ASP A 356 7.19 14.98 4.64
C ASP A 356 6.32 13.82 5.10
N ASP A 357 6.94 12.74 5.56
CA ASP A 357 6.23 11.56 6.03
C ASP A 357 5.32 11.84 7.22
N ARG A 358 5.62 12.89 7.96
CA ARG A 358 4.86 13.23 9.15
C ARG A 358 3.55 13.97 8.87
N ALA A 359 3.33 14.34 7.61
CA ALA A 359 2.12 15.07 7.23
C ALA A 359 0.94 14.12 7.16
N LEU A 360 0.67 13.46 8.29
CA LEU A 360 -0.43 12.51 8.40
C LEU A 360 -1.76 13.21 8.63
N LEU A 361 -2.21 13.92 7.62
CA LEU A 361 -3.46 14.66 7.68
C LEU A 361 -4.43 14.12 6.64
N TYR A 362 -5.70 14.49 6.76
CA TYR A 362 -6.70 14.03 5.81
C TYR A 362 -7.67 15.13 5.40
N SER A 363 -7.72 15.40 4.10
CA SER A 363 -8.60 16.42 3.56
C SER A 363 -9.59 15.76 2.58
N GLY A 364 -9.65 14.44 2.61
CA GLY A 364 -10.54 13.70 1.72
C GLY A 364 -12.01 13.88 2.04
N VAL A 365 -12.87 13.27 1.22
CA VAL A 365 -14.32 13.39 1.39
C VAL A 365 -14.91 12.48 2.46
N GLY A 366 -14.11 11.54 2.96
CA GLY A 366 -14.61 10.64 3.99
C GLY A 366 -15.01 11.45 5.21
N GLY A 367 -16.30 11.51 5.49
CA GLY A 367 -16.77 12.28 6.63
C GLY A 367 -17.29 13.65 6.25
N GLY A 368 -17.15 14.01 4.99
CA GLY A 368 -17.64 15.31 4.54
C GLY A 368 -16.57 16.26 4.05
N ARG A 369 -17.02 17.37 3.47
CA ARG A 369 -16.12 18.39 2.94
C ARG A 369 -15.33 19.03 4.08
N ARG A 370 -14.00 18.99 3.98
CA ARG A 370 -13.16 19.58 5.01
C ARG A 370 -12.78 21.02 4.66
N LYS A 371 -12.44 21.78 5.69
CA LYS A 371 -11.98 23.16 5.53
C LYS A 371 -10.60 23.16 6.15
N ILE A 372 -9.75 24.10 5.75
CA ILE A 372 -8.42 24.18 6.33
C ILE A 372 -8.52 25.15 7.51
N GLN A 373 -9.17 26.28 7.27
CA GLN A 373 -9.38 27.28 8.32
C GLN A 373 -10.86 27.61 8.30
N THR A 374 -11.42 27.91 9.47
CA THR A 374 -12.84 28.24 9.56
C THR A 374 -13.06 29.61 10.19
N ASP A 375 -14.18 30.24 9.87
CA ASP A 375 -14.50 31.56 10.42
C ASP A 375 -15.30 31.40 11.70
N ALA A 376 -15.62 30.16 12.03
CA ALA A 376 -16.38 29.86 13.24
C ALA A 376 -16.23 28.36 13.53
N ILE A 377 -15.86 28.04 14.77
CA ILE A 377 -15.68 26.65 15.18
C ILE A 377 -17.06 26.04 15.38
N SER A 378 -17.57 25.37 14.35
CA SER A 378 -18.89 24.76 14.40
C SER A 378 -18.90 23.24 14.39
N GLY A 379 -17.92 22.61 13.74
CA GLY A 379 -17.90 21.16 13.69
C GLY A 379 -16.56 20.52 13.39
N PHE A 380 -16.53 19.19 13.48
CA PHE A 380 -15.33 18.41 13.24
C PHE A 380 -14.68 18.62 11.87
N THR A 381 -15.49 18.90 10.85
CA THR A 381 -14.96 19.10 9.51
C THR A 381 -14.46 20.53 9.24
N ASP A 382 -14.39 21.35 10.28
CA ASP A 382 -13.91 22.72 10.11
C ASP A 382 -12.39 22.81 10.00
N GLY A 383 -11.75 21.65 10.03
CA GLY A 383 -10.30 21.60 9.92
C GLY A 383 -9.94 20.24 9.35
N LEU A 384 -8.72 20.08 8.87
CA LEU A 384 -8.32 18.77 8.34
C LEU A 384 -8.26 17.77 9.49
N SER A 385 -8.44 16.50 9.18
CA SER A 385 -8.39 15.48 10.21
C SER A 385 -6.94 15.03 10.40
N ILE A 386 -6.61 14.63 11.62
CA ILE A 386 -5.28 14.16 11.93
C ILE A 386 -5.33 12.64 12.09
N VAL A 387 -4.65 11.94 11.18
CA VAL A 387 -4.63 10.48 11.20
C VAL A 387 -3.25 9.94 11.58
N LYS A 388 -2.54 10.72 12.39
CA LYS A 388 -1.21 10.33 12.86
C LYS A 388 -1.28 9.07 13.71
N TRP A 389 -2.23 9.01 14.63
CA TRP A 389 -2.39 7.85 15.49
C TRP A 389 -3.29 6.84 14.80
N GLN A 390 -2.90 5.57 14.82
CA GLN A 390 -3.70 4.54 14.17
C GLN A 390 -3.80 3.25 14.94
N ASN A 391 -4.87 2.51 14.68
CA ASN A 391 -5.05 1.23 15.32
C ASN A 391 -4.89 0.14 14.27
N TYR A 392 -3.82 0.23 13.51
CA TYR A 392 -3.47 -0.75 12.49
C TYR A 392 -2.02 -1.13 12.77
N ARG A 393 -1.70 -2.42 12.62
CA ARG A 393 -0.34 -2.90 12.83
C ARG A 393 0.44 -2.71 11.54
N SER A 394 1.70 -2.32 11.64
CA SER A 394 2.51 -2.14 10.44
C SER A 394 2.72 -3.47 9.73
N ASP A 395 2.62 -4.57 10.46
CA ASP A 395 2.80 -5.88 9.85
C ASP A 395 1.50 -6.45 9.26
N GLY A 396 0.43 -5.68 9.36
CA GLY A 396 -0.85 -6.09 8.80
C GLY A 396 -1.64 -7.13 9.58
N LYS A 397 -1.09 -7.61 10.68
CA LYS A 397 -1.79 -8.61 11.48
C LYS A 397 -2.96 -8.03 12.25
N PRO A 398 -3.88 -8.88 12.71
CA PRO A 398 -5.05 -8.40 13.47
C PRO A 398 -4.72 -7.71 14.78
N VAL A 399 -5.54 -6.74 15.15
CA VAL A 399 -5.38 -6.04 16.42
C VAL A 399 -6.31 -6.82 17.36
N SER A 400 -6.21 -6.59 18.66
CA SER A 400 -7.03 -7.35 19.61
C SER A 400 -8.49 -6.94 19.71
N HIS A 401 -8.81 -5.69 19.37
CA HIS A 401 -10.19 -5.23 19.50
C HIS A 401 -10.66 -4.36 18.33
N ALA A 402 -11.94 -4.51 17.97
CA ALA A 402 -12.52 -3.77 16.86
C ALA A 402 -12.78 -2.31 17.21
N THR A 403 -12.84 -2.00 18.51
CA THR A 403 -13.12 -0.64 18.95
C THR A 403 -11.95 0.06 19.65
N TYR A 404 -11.41 -0.55 20.69
CA TYR A 404 -10.29 0.03 21.42
C TYR A 404 -8.97 -0.37 20.81
N PRO A 405 -8.07 0.61 20.62
CA PRO A 405 -6.74 0.38 20.02
C PRO A 405 -5.70 -0.30 20.90
N ASP A 406 -4.77 -0.98 20.24
CA ASP A 406 -3.68 -1.65 20.92
C ASP A 406 -2.50 -0.70 20.95
N THR A 407 -2.60 0.38 20.18
CA THR A 407 -1.53 1.37 20.07
C THR A 407 -1.07 1.95 21.40
N ASP A 408 0.23 1.84 21.66
CA ASP A 408 0.85 2.38 22.87
C ASP A 408 1.12 3.86 22.62
N ILE A 409 1.22 4.64 23.70
CA ILE A 409 1.54 6.05 23.58
C ILE A 409 3.03 6.19 23.87
N PRO A 410 3.84 6.50 22.85
CA PRO A 410 5.28 6.65 23.09
C PRO A 410 5.57 8.01 23.74
N LEU A 411 5.22 8.12 25.01
CA LEU A 411 5.40 9.36 25.76
C LEU A 411 6.80 9.94 25.55
N PHE A 412 7.82 9.11 25.72
CA PHE A 412 9.22 9.52 25.55
C PHE A 412 9.80 8.88 24.28
N ARG A 413 10.26 9.72 23.36
CA ARG A 413 10.86 9.26 22.11
C ARG A 413 12.24 9.88 21.94
N LEU A 414 13.16 9.10 21.38
CA LEU A 414 14.52 9.58 21.14
C LEU A 414 14.52 10.88 20.35
N ALA A 415 13.53 11.06 19.49
CA ALA A 415 13.44 12.27 18.68
C ALA A 415 13.43 13.54 19.56
N GLU A 416 12.97 13.42 20.79
CA GLU A 416 12.95 14.59 21.67
C GLU A 416 14.37 15.01 22.00
N ALA A 417 15.27 14.04 22.07
CA ALA A 417 16.66 14.33 22.37
C ALA A 417 17.30 15.13 21.24
N TYR A 418 16.92 14.82 20.00
CA TYR A 418 17.48 15.54 18.86
C TYR A 418 16.99 16.99 18.79
N LEU A 419 15.70 17.19 18.98
CA LEU A 419 15.14 18.53 18.95
C LEU A 419 15.63 19.36 20.13
N THR A 420 15.77 18.70 21.28
CA THR A 420 16.25 19.36 22.48
C THR A 420 17.69 19.80 22.32
N ARG A 421 18.51 18.94 21.75
CA ARG A 421 19.91 19.29 21.55
C ARG A 421 20.01 20.33 20.45
N ALA A 422 19.21 20.18 19.40
CA ALA A 422 19.22 21.14 18.29
C ALA A 422 18.91 22.53 18.84
N GLU A 423 17.84 22.64 19.62
CA GLU A 423 17.46 23.93 20.18
C GLU A 423 18.54 24.47 21.12
N ALA A 424 19.10 23.60 21.96
CA ALA A 424 20.13 24.02 22.90
C ALA A 424 21.36 24.52 22.13
N ILE A 425 21.74 23.80 21.09
CA ILE A 425 22.88 24.19 20.29
C ILE A 425 22.60 25.55 19.65
N PHE A 426 21.42 25.69 19.05
CA PHE A 426 21.03 26.95 18.42
C PHE A 426 21.15 28.11 19.40
N ARG A 427 20.53 27.95 20.59
CA ARG A 427 20.56 29.00 21.61
C ARG A 427 21.98 29.38 22.01
N GLN A 428 22.90 28.43 21.95
CA GLN A 428 24.29 28.69 22.33
C GLN A 428 25.13 29.24 21.17
N GLY A 429 24.47 29.57 20.06
CA GLY A 429 25.17 30.12 18.91
C GLY A 429 25.79 29.09 17.98
N GLY A 430 25.51 27.82 18.20
CA GLY A 430 26.08 26.79 17.35
C GLY A 430 25.22 26.47 16.14
N ASP A 431 25.64 25.49 15.36
CA ASP A 431 24.93 25.07 14.16
C ASP A 431 24.10 23.83 14.47
N ALA A 432 22.78 24.01 14.47
CA ALA A 432 21.87 22.91 14.77
C ALA A 432 21.25 22.23 13.56
N THR A 433 21.71 22.57 12.37
CA THR A 433 21.17 21.96 11.16
C THR A 433 21.28 20.43 11.20
N GLY A 434 22.40 19.93 11.73
CA GLY A 434 22.59 18.49 11.80
C GLY A 434 21.51 17.73 12.54
N ASP A 435 21.22 18.14 13.77
CA ASP A 435 20.20 17.44 14.54
C ASP A 435 18.82 17.57 13.89
N ILE A 436 18.49 18.74 13.38
CA ILE A 436 17.20 18.94 12.74
C ILE A 436 17.06 18.06 11.51
N ASN A 437 18.10 18.05 10.67
CA ASN A 437 18.05 17.26 9.46
C ASN A 437 18.08 15.76 9.73
N GLU A 438 18.44 15.37 10.95
CA GLU A 438 18.45 13.97 11.31
C GLU A 438 16.98 13.54 11.35
N LEU A 439 16.14 14.41 11.90
CA LEU A 439 14.71 14.13 11.99
C LEU A 439 14.04 14.28 10.63
N ARG A 440 14.42 15.31 9.87
CA ARG A 440 13.84 15.52 8.56
C ARG A 440 14.24 14.40 7.59
N LYS A 441 15.44 13.84 7.77
CA LYS A 441 15.90 12.74 6.94
C LYS A 441 15.03 11.52 7.24
N ARG A 442 14.84 11.24 8.53
CA ARG A 442 14.04 10.10 8.94
C ARG A 442 12.65 10.20 8.33
N ALA A 443 12.12 11.41 8.27
CA ALA A 443 10.80 11.66 7.72
C ALA A 443 10.81 11.75 6.19
N ASN A 444 11.97 11.49 5.58
CA ASN A 444 12.08 11.55 4.12
C ASN A 444 11.62 12.90 3.57
N CYS A 445 12.03 13.96 4.24
CA CYS A 445 11.65 15.31 3.81
C CYS A 445 12.37 15.72 2.54
N THR A 446 11.64 16.34 1.63
CA THR A 446 12.25 16.80 0.39
C THR A 446 13.04 18.08 0.69
N ARG A 447 12.57 18.84 1.69
CA ARG A 447 13.24 20.08 2.07
C ARG A 447 14.13 19.89 3.29
N LYS A 448 15.42 20.20 3.14
CA LYS A 448 16.35 20.10 4.25
C LYS A 448 16.63 21.52 4.75
N VAL A 449 16.96 21.65 6.03
CA VAL A 449 17.22 22.97 6.60
C VAL A 449 18.66 23.38 6.36
N GLN A 450 18.84 24.56 5.77
CA GLN A 450 20.17 25.07 5.48
C GLN A 450 20.63 25.96 6.63
N THR A 451 19.67 26.62 7.27
CA THR A 451 19.93 27.51 8.39
C THR A 451 18.83 27.32 9.43
N VAL A 452 19.23 27.27 10.70
CA VAL A 452 18.24 27.12 11.75
C VAL A 452 17.85 28.47 12.34
N THR A 453 16.56 28.71 12.42
CA THR A 453 16.03 29.93 12.99
C THR A 453 15.13 29.51 14.14
N GLU A 454 14.73 30.45 14.97
CA GLU A 454 13.85 30.14 16.08
C GLU A 454 12.51 29.66 15.54
N GLN A 455 12.11 30.22 14.41
CA GLN A 455 10.86 29.86 13.77
C GLN A 455 10.88 28.42 13.25
N GLU A 456 12.00 28.03 12.63
CA GLU A 456 12.16 26.69 12.09
C GLU A 456 12.12 25.68 13.22
N LEU A 457 12.75 26.02 14.34
CA LEU A 457 12.81 25.15 15.50
C LEU A 457 11.43 24.88 16.09
N ILE A 458 10.67 25.95 16.38
CA ILE A 458 9.35 25.77 16.95
C ILE A 458 8.41 25.06 15.96
N ASP A 459 8.64 25.27 14.67
CA ASP A 459 7.82 24.62 13.66
C ASP A 459 8.17 23.12 13.59
N GLU A 460 9.45 22.83 13.71
CA GLU A 460 9.91 21.44 13.67
C GLU A 460 9.37 20.69 14.89
N TRP A 461 9.29 21.38 16.03
CA TRP A 461 8.76 20.76 17.26
C TRP A 461 7.33 20.31 17.01
N ALA A 462 6.60 21.09 16.22
CA ALA A 462 5.20 20.78 15.90
C ALA A 462 5.12 19.63 14.91
N ARG A 463 5.93 19.71 13.86
CA ARG A 463 5.94 18.66 12.83
C ARG A 463 6.30 17.31 13.42
N GLU A 464 7.26 17.31 14.34
CA GLU A 464 7.71 16.07 14.94
C GLU A 464 6.81 15.56 16.07
N PHE A 465 6.38 16.45 16.96
CA PHE A 465 5.58 16.02 18.10
C PHE A 465 4.12 16.43 18.20
N TYR A 466 3.52 16.95 17.13
CA TYR A 466 2.13 17.36 17.21
C TYR A 466 1.22 16.23 17.68
N LEU A 467 0.30 16.58 18.57
CA LEU A 467 -0.64 15.65 19.17
C LEU A 467 0.03 14.60 20.03
N GLU A 468 1.07 15.00 20.76
CA GLU A 468 1.77 14.10 21.68
C GLU A 468 1.81 14.72 23.07
N GLY A 469 0.96 15.75 23.26
CA GLY A 469 0.81 16.42 24.54
C GLY A 469 1.87 17.33 25.14
N ARG A 470 2.68 17.97 24.31
CA ARG A 470 3.73 18.85 24.83
C ARG A 470 3.76 20.26 24.22
N ARG A 471 3.00 20.47 23.15
CA ARG A 471 3.01 21.76 22.46
C ARG A 471 3.08 23.03 23.28
N ARG A 472 2.09 23.25 24.14
CA ARG A 472 2.07 24.46 24.97
C ARG A 472 3.39 24.73 25.65
N SER A 473 3.98 23.72 26.27
CA SER A 473 5.26 23.88 26.96
C SER A 473 6.32 24.48 26.05
N ASP A 474 6.41 23.97 24.83
CA ASP A 474 7.41 24.49 23.89
C ASP A 474 7.08 25.92 23.48
N LEU A 475 5.80 26.23 23.33
CA LEU A 475 5.38 27.58 22.95
C LEU A 475 5.75 28.59 24.04
N VAL A 476 5.48 28.23 25.29
CA VAL A 476 5.81 29.10 26.41
C VAL A 476 7.31 29.39 26.42
N ARG A 477 8.11 28.35 26.25
CA ARG A 477 9.56 28.51 26.25
C ARG A 477 10.01 29.45 25.14
N PHE A 478 9.40 29.36 23.97
CA PHE A 478 9.76 30.25 22.86
C PHE A 478 9.07 31.60 22.99
N GLY A 479 8.43 31.85 24.12
CA GLY A 479 7.74 33.11 24.33
C GLY A 479 6.66 33.35 23.29
N MET A 480 6.02 32.27 22.84
CA MET A 480 4.98 32.36 21.82
C MET A 480 3.59 31.89 22.23
N PHE A 481 3.41 31.43 23.47
CA PHE A 481 2.10 30.95 23.88
C PHE A 481 1.02 32.01 24.10
N THR A 482 1.36 33.13 24.74
CA THR A 482 0.37 34.18 25.00
C THR A 482 0.57 35.48 24.22
N THR A 483 1.76 35.67 23.67
CA THR A 483 2.12 36.91 22.96
C THR A 483 1.74 37.06 21.49
N ASN A 484 2.10 38.22 20.94
CA ASN A 484 1.86 38.55 19.55
C ASN A 484 3.00 38.00 18.68
N LYS A 485 4.01 37.42 19.33
CA LYS A 485 5.16 36.87 18.62
C LYS A 485 4.73 35.79 17.64
N TYR A 486 3.66 35.08 17.97
CA TYR A 486 3.13 34.01 17.12
C TYR A 486 1.62 33.92 17.29
N LEU A 487 0.89 34.29 16.26
CA LEU A 487 -0.57 34.23 16.29
C LEU A 487 -1.07 33.14 15.34
N TRP A 488 -1.84 32.20 15.87
CA TRP A 488 -2.38 31.12 15.04
C TRP A 488 -3.89 31.26 15.04
N ASP A 489 -4.56 30.57 14.12
CA ASP A 489 -6.01 30.67 14.04
C ASP A 489 -6.70 30.25 15.32
N TRP A 490 -7.61 31.11 15.78
CA TRP A 490 -8.39 30.93 16.98
C TRP A 490 -7.64 31.10 18.30
N LYS A 491 -6.41 31.58 18.21
CA LYS A 491 -5.64 31.83 19.43
C LYS A 491 -6.33 33.03 20.09
N GLY A 492 -6.58 32.94 21.39
CA GLY A 492 -7.22 34.03 22.10
C GLY A 492 -8.67 34.27 21.74
N GLY A 493 -9.26 33.33 20.99
CA GLY A 493 -10.66 33.47 20.62
C GLY A 493 -10.92 34.26 19.35
N ALA A 494 -9.87 34.65 18.63
CA ALA A 494 -10.05 35.40 17.39
C ALA A 494 -9.69 34.52 16.20
N MET A 495 -10.49 34.62 15.13
CA MET A 495 -10.28 33.83 13.93
C MET A 495 -8.82 33.80 13.47
N ASN A 496 -8.21 34.98 13.36
CA ASN A 496 -6.82 35.05 12.93
C ASN A 496 -5.85 35.09 14.08
N GLY A 497 -6.36 34.84 15.29
CA GLY A 497 -5.50 34.83 16.46
C GLY A 497 -5.27 36.20 17.07
N THR A 498 -5.20 36.23 18.40
CA THR A 498 -4.95 37.45 19.14
C THR A 498 -4.23 37.06 20.42
N SER A 499 -3.56 38.02 21.04
CA SER A 499 -2.82 37.76 22.26
C SER A 499 -3.72 37.74 23.49
N VAL A 500 -3.18 37.20 24.58
CA VAL A 500 -3.88 37.15 25.86
C VAL A 500 -2.85 37.59 26.90
N ALA A 501 -3.27 37.76 28.15
CA ALA A 501 -2.36 38.20 29.19
C ALA A 501 -1.22 37.21 29.41
N SER A 502 -0.04 37.74 29.72
CA SER A 502 1.14 36.92 29.94
C SER A 502 0.99 35.96 31.11
N TYR A 503 0.15 36.31 32.09
CA TYR A 503 -0.01 35.43 33.24
C TYR A 503 -0.60 34.09 32.85
N TYR A 504 -1.11 33.99 31.63
CA TYR A 504 -1.70 32.76 31.13
C TYR A 504 -0.67 31.69 30.75
N ASN A 505 0.62 32.03 30.90
CA ASN A 505 1.67 31.07 30.58
C ASN A 505 1.73 29.99 31.65
N LYS A 506 0.96 30.21 32.72
CA LYS A 506 0.86 29.25 33.82
C LYS A 506 -0.63 29.08 34.08
N TYR A 507 -1.06 27.85 34.33
CA TYR A 507 -2.45 27.59 34.64
C TYR A 507 -2.64 28.04 36.08
N PRO A 508 -3.89 28.31 36.48
CA PRO A 508 -4.09 28.75 37.87
C PRO A 508 -4.24 27.56 38.81
N ILE A 509 -4.00 27.79 40.10
CA ILE A 509 -4.18 26.74 41.08
C ILE A 509 -5.71 26.66 41.18
N PRO A 510 -6.28 25.45 41.06
CA PRO A 510 -7.75 25.34 41.15
C PRO A 510 -8.30 26.05 42.39
N VAL A 511 -9.37 26.82 42.20
CA VAL A 511 -9.96 27.54 43.32
C VAL A 511 -10.33 26.58 44.45
N SER A 512 -10.66 25.34 44.09
CA SER A 512 -11.00 24.34 45.10
C SER A 512 -9.81 24.05 46.01
N ASP A 513 -8.62 23.98 45.45
CA ASP A 513 -7.44 23.71 46.27
C ASP A 513 -7.04 24.95 47.04
N ILE A 514 -7.29 26.13 46.47
CA ILE A 514 -6.99 27.38 47.15
C ILE A 514 -7.82 27.45 48.42
N ASN A 515 -9.09 27.07 48.30
CA ASN A 515 -10.00 27.08 49.44
C ASN A 515 -9.69 26.01 50.48
N ASN A 516 -9.22 24.84 50.02
CA ASN A 516 -8.91 23.74 50.93
C ASN A 516 -7.53 23.81 51.55
N ASN A 517 -6.56 24.36 50.81
CA ASN A 517 -5.20 24.43 51.31
C ASN A 517 -4.64 25.85 51.36
N ARG A 518 -4.71 26.46 52.54
CA ARG A 518 -4.22 27.82 52.73
C ARG A 518 -2.73 27.95 52.45
N ASN A 519 -2.04 26.82 52.34
CA ASN A 519 -0.61 26.82 52.09
C ASN A 519 -0.28 27.20 50.64
N MET A 520 -1.25 27.01 49.76
CA MET A 520 -1.07 27.31 48.34
C MET A 520 -1.50 28.74 48.00
N SER A 521 -0.69 29.42 47.20
CA SER A 521 -1.01 30.77 46.77
C SER A 521 -1.37 30.73 45.29
N GLN A 522 -2.31 31.59 44.89
CA GLN A 522 -2.75 31.63 43.50
C GLN A 522 -1.65 32.20 42.62
N ASN A 523 -1.62 31.79 41.35
CA ASN A 523 -0.60 32.30 40.45
C ASN A 523 -0.90 33.76 40.13
N GLU A 524 0.15 34.54 39.92
CA GLU A 524 0.03 35.94 39.60
C GLU A 524 -0.89 36.16 38.40
N GLY A 525 -1.68 37.24 38.46
CA GLY A 525 -2.58 37.55 37.36
C GLY A 525 -4.01 37.07 37.54
N TYR A 526 -4.17 35.87 38.10
CA TYR A 526 -5.51 35.34 38.30
C TYR A 526 -6.21 35.96 39.49
N LYS A 527 -7.54 35.96 39.45
CA LYS A 527 -8.36 36.51 40.52
C LYS A 527 -8.61 35.47 41.60
N GLN B 13 -23.62 -1.66 -47.71
CA GLN B 13 -22.69 -2.80 -47.44
C GLN B 13 -21.45 -2.65 -48.31
N THR B 14 -21.65 -2.31 -49.58
CA THR B 14 -20.53 -2.14 -50.51
C THR B 14 -20.65 -0.85 -51.33
N GLY B 15 -19.59 -0.53 -52.06
CA GLY B 15 -19.58 0.67 -52.89
C GLY B 15 -19.85 1.96 -52.14
N GLY B 16 -20.89 2.68 -52.58
CA GLY B 16 -21.23 3.94 -51.94
C GLY B 16 -21.74 3.81 -50.51
N SER B 17 -22.16 2.61 -50.13
CA SER B 17 -22.65 2.39 -48.77
C SER B 17 -21.60 1.75 -47.88
N PHE B 18 -20.44 1.44 -48.47
CA PHE B 18 -19.33 0.86 -47.73
C PHE B 18 -18.81 1.91 -46.75
N ASP B 19 -18.91 1.63 -45.46
CA ASP B 19 -18.43 2.56 -44.44
C ASP B 19 -16.98 2.20 -44.10
N GLN B 20 -16.07 2.62 -44.98
CA GLN B 20 -14.65 2.33 -44.82
C GLN B 20 -14.09 2.55 -43.41
N GLN B 21 -14.29 3.74 -42.87
CA GLN B 21 -13.81 4.05 -41.53
C GLN B 21 -14.41 3.09 -40.49
N GLY B 22 -15.72 2.88 -40.59
CA GLY B 22 -16.39 1.99 -39.65
C GLY B 22 -15.93 0.54 -39.75
N VAL B 23 -15.74 0.05 -40.97
CA VAL B 23 -15.28 -1.32 -41.14
C VAL B 23 -13.83 -1.43 -40.68
N PHE B 24 -13.06 -0.37 -40.90
CA PHE B 24 -11.66 -0.36 -40.47
C PHE B 24 -11.62 -0.55 -38.95
N VAL B 25 -12.38 0.27 -38.23
CA VAL B 25 -12.44 0.19 -36.77
C VAL B 25 -12.94 -1.18 -36.30
N LYS B 26 -13.89 -1.78 -37.02
CA LYS B 26 -14.38 -3.10 -36.63
C LYS B 26 -13.28 -4.14 -36.81
N GLY B 27 -12.39 -3.90 -37.76
CA GLY B 27 -11.29 -4.82 -37.98
C GLY B 27 -10.51 -5.05 -36.69
N TYR B 28 -10.29 -3.96 -35.96
CA TYR B 28 -9.58 -4.00 -34.69
C TYR B 28 -10.48 -4.51 -33.56
N ALA B 29 -11.76 -4.16 -33.62
CA ALA B 29 -12.73 -4.57 -32.61
C ALA B 29 -12.88 -6.09 -32.50
N MET B 30 -12.68 -6.80 -33.61
CA MET B 30 -12.80 -8.26 -33.61
C MET B 30 -11.81 -8.90 -32.66
N LEU B 31 -10.77 -8.17 -32.29
CA LEU B 31 -9.77 -8.70 -31.37
C LEU B 31 -10.31 -8.70 -29.95
N GLY B 32 -11.20 -7.77 -29.62
CA GLY B 32 -11.70 -7.68 -28.27
C GLY B 32 -13.18 -7.84 -27.96
N VAL B 33 -14.03 -7.89 -28.98
CA VAL B 33 -15.47 -8.06 -28.76
C VAL B 33 -16.01 -9.17 -29.65
N THR B 34 -17.08 -9.81 -29.20
CA THR B 34 -17.68 -10.91 -29.95
C THR B 34 -18.67 -10.44 -31.02
N ASP B 49 -22.28 -20.56 -26.54
CA ASP B 49 -22.52 -19.17 -26.15
C ASP B 49 -21.64 -18.22 -26.96
N GLU B 50 -22.17 -17.03 -27.25
CA GLU B 50 -21.43 -16.03 -28.01
C GLU B 50 -20.17 -15.64 -27.24
N GLY B 51 -20.30 -15.60 -25.92
CA GLY B 51 -19.18 -15.23 -25.08
C GLY B 51 -18.04 -16.22 -25.12
N GLU B 52 -18.26 -17.37 -25.76
CA GLU B 52 -17.23 -18.39 -25.86
C GLU B 52 -16.50 -18.37 -27.22
N SER B 53 -17.05 -17.64 -28.18
CA SER B 53 -16.47 -17.60 -29.52
C SER B 53 -15.55 -16.43 -29.81
N GLY B 54 -15.25 -15.63 -28.80
CA GLY B 54 -14.39 -14.48 -29.02
C GLY B 54 -12.99 -14.85 -29.50
N PHE B 55 -12.37 -13.93 -30.22
CA PHE B 55 -11.02 -14.13 -30.74
C PHE B 55 -10.04 -14.47 -29.61
N TYR B 56 -9.97 -13.59 -28.62
CA TYR B 56 -9.04 -13.77 -27.52
C TYR B 56 -9.22 -15.04 -26.69
N ARG B 57 -10.46 -15.31 -26.30
CA ARG B 57 -10.77 -16.47 -25.48
C ARG B 57 -10.44 -17.80 -26.16
N THR B 58 -10.85 -17.96 -27.40
CA THR B 58 -10.59 -19.19 -28.12
C THR B 58 -9.10 -19.45 -28.30
N THR B 59 -8.34 -18.43 -28.65
CA THR B 59 -6.90 -18.60 -28.84
C THR B 59 -6.22 -18.77 -27.49
N PHE B 60 -6.70 -18.05 -26.49
CA PHE B 60 -6.12 -18.14 -25.14
C PHE B 60 -6.26 -19.55 -24.59
N ASN B 61 -7.46 -20.11 -24.67
CA ASN B 61 -7.69 -21.45 -24.17
C ASN B 61 -6.84 -22.50 -24.87
N CYS B 62 -6.75 -22.42 -26.20
CA CYS B 62 -5.96 -23.37 -26.95
C CYS B 62 -4.47 -23.32 -26.60
N ASN B 63 -4.00 -22.15 -26.16
CA ASN B 63 -2.59 -22.00 -25.81
C ASN B 63 -2.34 -22.01 -24.30
N GLU B 64 -3.39 -22.11 -23.50
CA GLU B 64 -3.20 -22.09 -22.05
C GLU B 64 -3.75 -23.31 -21.29
N LEU B 65 -5.01 -23.64 -21.51
CA LEU B 65 -5.63 -24.74 -20.78
C LEU B 65 -4.88 -26.09 -20.77
N PRO B 66 -4.24 -26.47 -21.87
CA PRO B 66 -3.52 -27.74 -21.89
C PRO B 66 -2.10 -27.65 -21.36
N THR B 67 -1.66 -26.44 -21.02
CA THR B 67 -0.29 -26.22 -20.57
C THR B 67 -0.05 -26.33 -19.06
N ASP B 68 1.18 -26.04 -18.65
CA ASP B 68 1.60 -26.10 -17.26
C ASP B 68 1.20 -24.84 -16.50
N GLU B 69 0.66 -23.85 -17.21
CA GLU B 69 0.33 -22.60 -16.55
C GLU B 69 -0.95 -22.56 -15.74
N CYS B 70 -2.01 -23.18 -16.25
CA CYS B 70 -3.27 -23.12 -15.53
C CYS B 70 -4.21 -24.30 -15.75
N LEU B 71 -5.33 -24.23 -15.06
CA LEU B 71 -6.34 -25.28 -15.09
C LEU B 71 -7.73 -24.64 -15.05
N TRP B 72 -8.65 -25.17 -15.84
CA TRP B 72 -10.03 -24.69 -15.84
C TRP B 72 -10.67 -25.52 -14.73
N ALA B 73 -11.27 -24.85 -13.76
CA ALA B 73 -11.87 -25.55 -12.62
C ALA B 73 -13.10 -26.42 -12.88
N TRP B 74 -13.90 -26.06 -13.87
CA TRP B 74 -15.11 -26.83 -14.16
C TRP B 74 -14.90 -27.82 -15.31
N GLN B 75 -14.29 -28.95 -14.97
CA GLN B 75 -13.99 -30.00 -15.91
C GLN B 75 -15.23 -30.61 -16.56
N LYS B 76 -16.41 -30.28 -16.05
CA LYS B 76 -17.64 -30.82 -16.61
C LYS B 76 -18.01 -30.09 -17.89
N ASN B 77 -17.53 -28.85 -18.04
CA ASN B 77 -17.81 -28.07 -19.24
C ASN B 77 -17.29 -28.88 -20.43
N GLN B 78 -18.09 -28.94 -21.48
CA GLN B 78 -17.72 -29.69 -22.68
C GLN B 78 -16.35 -29.37 -23.25
N ASP B 79 -15.64 -30.42 -23.65
CA ASP B 79 -14.32 -30.33 -24.25
C ASP B 79 -13.21 -29.81 -23.33
N ILE B 80 -13.54 -29.53 -22.07
CA ILE B 80 -12.53 -29.05 -21.13
C ILE B 80 -11.53 -30.14 -20.74
N PRO B 81 -12.01 -31.36 -20.46
CA PRO B 81 -11.04 -32.41 -20.10
C PRO B 81 -10.08 -32.63 -21.26
N GLN B 82 -10.60 -32.57 -22.48
CA GLN B 82 -9.81 -32.78 -23.69
C GLN B 82 -8.67 -31.76 -23.79
N LEU B 83 -9.01 -30.47 -23.68
CA LEU B 83 -8.01 -29.42 -23.76
C LEU B 83 -7.09 -29.49 -22.55
N THR B 84 -7.64 -29.83 -21.39
CA THR B 84 -6.83 -29.91 -20.18
C THR B 84 -5.75 -30.98 -20.27
N SER B 85 -6.12 -32.13 -20.86
CA SER B 85 -5.23 -33.28 -20.97
C SER B 85 -4.56 -33.48 -22.33
N ILE B 86 -4.77 -32.57 -23.28
CA ILE B 86 -4.17 -32.73 -24.60
C ILE B 86 -4.66 -34.07 -25.18
N SER B 87 -5.98 -34.24 -25.20
CA SER B 87 -6.56 -35.48 -25.70
C SER B 87 -7.78 -35.21 -26.58
N TRP B 88 -7.79 -34.05 -27.23
CA TRP B 88 -8.90 -33.68 -28.10
C TRP B 88 -8.89 -34.48 -29.40
N SER B 89 -9.98 -34.39 -30.15
CA SER B 89 -10.11 -35.08 -31.42
C SER B 89 -10.65 -34.08 -32.43
N PRO B 90 -10.74 -34.47 -33.71
CA PRO B 90 -11.24 -33.56 -34.75
C PRO B 90 -12.65 -33.03 -34.50
N SER B 91 -13.35 -33.61 -33.52
CA SER B 91 -14.71 -33.15 -33.22
C SER B 91 -14.71 -32.14 -32.07
N SER B 92 -13.52 -31.81 -31.58
CA SER B 92 -13.38 -30.85 -30.48
C SER B 92 -14.17 -29.57 -30.74
N GLN B 93 -15.01 -29.18 -29.78
CA GLN B 93 -15.80 -27.97 -29.92
C GLN B 93 -14.90 -26.74 -29.78
N ARG B 94 -13.97 -26.79 -28.84
CA ARG B 94 -13.05 -25.69 -28.59
C ARG B 94 -12.16 -25.43 -29.81
N THR B 95 -11.78 -26.50 -30.50
CA THR B 95 -10.94 -26.39 -31.69
C THR B 95 -11.74 -25.77 -32.82
N GLU B 96 -13.00 -26.16 -32.95
CA GLU B 96 -13.85 -25.62 -34.00
C GLU B 96 -14.08 -24.13 -33.74
N TRP B 97 -14.27 -23.78 -32.48
CA TRP B 97 -14.49 -22.38 -32.12
C TRP B 97 -13.35 -21.46 -32.56
N VAL B 98 -12.11 -21.81 -32.23
CA VAL B 98 -10.99 -20.96 -32.61
C VAL B 98 -10.76 -20.94 -34.13
N TYR B 99 -10.98 -22.09 -34.76
CA TYR B 99 -10.81 -22.25 -36.20
C TYR B 99 -11.81 -21.36 -36.94
N VAL B 100 -13.07 -21.46 -36.56
CA VAL B 100 -14.13 -20.68 -37.17
C VAL B 100 -13.94 -19.18 -36.90
N ARG B 101 -13.58 -18.84 -35.66
CA ARG B 101 -13.37 -17.44 -35.30
C ARG B 101 -12.22 -16.83 -36.12
N LEU B 102 -11.09 -17.53 -36.17
CA LEU B 102 -9.95 -17.04 -36.93
C LEU B 102 -10.32 -16.81 -38.38
N GLY B 103 -10.99 -17.80 -38.98
CA GLY B 103 -11.41 -17.70 -40.36
C GLY B 103 -12.37 -16.57 -40.62
N TYR B 104 -13.36 -16.41 -39.75
CA TYR B 104 -14.34 -15.35 -39.91
C TYR B 104 -13.70 -13.97 -39.88
N ASP B 105 -12.82 -13.73 -38.92
CA ASP B 105 -12.14 -12.45 -38.83
C ASP B 105 -11.41 -12.15 -40.13
N ILE B 106 -10.78 -13.17 -40.71
CA ILE B 106 -10.02 -12.97 -41.94
C ILE B 106 -10.93 -12.63 -43.12
N THR B 107 -12.12 -13.22 -43.16
CA THR B 107 -13.04 -12.91 -44.25
C THR B 107 -13.39 -11.42 -44.16
N GLN B 108 -13.52 -10.92 -42.94
CA GLN B 108 -13.84 -9.50 -42.74
C GLN B 108 -12.68 -8.62 -43.22
N TYR B 109 -11.45 -9.05 -42.96
CA TYR B 109 -10.30 -8.27 -43.41
C TYR B 109 -10.23 -8.30 -44.93
N ASN B 110 -10.47 -9.47 -45.52
CA ASN B 110 -10.43 -9.60 -46.97
C ASN B 110 -11.51 -8.72 -47.59
N PHE B 111 -12.65 -8.60 -46.92
CA PHE B 111 -13.74 -7.76 -47.40
C PHE B 111 -13.29 -6.30 -47.49
N PHE B 112 -12.64 -5.83 -46.43
CA PHE B 112 -12.15 -4.46 -46.38
C PHE B 112 -11.08 -4.21 -47.45
N LEU B 113 -10.19 -5.19 -47.62
CA LEU B 113 -9.13 -5.06 -48.60
C LEU B 113 -9.68 -5.08 -50.02
N ASP B 114 -10.69 -5.90 -50.27
CA ASP B 114 -11.30 -5.95 -51.60
C ASP B 114 -12.03 -4.65 -51.90
N GLN B 115 -12.72 -4.11 -50.90
CA GLN B 115 -13.48 -2.87 -51.07
C GLN B 115 -12.61 -1.63 -51.23
N THR B 116 -11.39 -1.67 -50.72
CA THR B 116 -10.49 -0.52 -50.83
C THR B 116 -9.41 -0.76 -51.87
N GLU B 117 -9.52 -1.86 -52.60
CA GLU B 117 -8.54 -2.21 -53.62
C GLU B 117 -8.37 -1.10 -54.65
N GLY B 118 -7.13 -0.74 -54.96
CA GLY B 118 -6.88 0.29 -55.94
C GLY B 118 -6.82 1.71 -55.38
N MET B 119 -7.22 1.89 -54.13
CA MET B 119 -7.19 3.21 -53.51
C MET B 119 -5.76 3.57 -53.16
N THR B 120 -5.36 4.80 -53.49
CA THR B 120 -4.00 5.24 -53.26
C THR B 120 -3.81 6.36 -52.24
N ASP B 121 -4.87 6.92 -51.70
CA ASP B 121 -4.70 7.99 -50.73
C ASP B 121 -3.96 7.47 -49.52
N ALA B 122 -3.17 8.34 -48.89
CA ALA B 122 -2.37 7.98 -47.73
C ALA B 122 -3.18 7.35 -46.59
N GLU B 123 -4.36 7.87 -46.32
CA GLU B 123 -5.19 7.33 -45.24
C GLU B 123 -5.57 5.88 -45.50
N THR B 124 -6.09 5.60 -46.70
CA THR B 124 -6.47 4.24 -47.05
C THR B 124 -5.28 3.29 -47.06
N LEU B 125 -4.13 3.76 -47.54
CA LEU B 125 -2.94 2.90 -47.57
C LEU B 125 -2.55 2.47 -46.17
N ARG B 126 -2.69 3.38 -45.21
CA ARG B 126 -2.34 3.05 -43.84
C ARG B 126 -3.36 2.06 -43.28
N GLN B 127 -4.63 2.30 -43.56
CA GLN B 127 -5.68 1.39 -43.08
C GLN B 127 -5.46 0.00 -43.66
N ARG B 128 -5.16 -0.06 -44.96
CA ARG B 128 -4.93 -1.34 -45.62
C ARG B 128 -3.72 -2.04 -44.98
N ALA B 129 -2.67 -1.28 -44.69
CA ALA B 129 -1.48 -1.85 -44.07
C ALA B 129 -1.81 -2.48 -42.72
N GLU B 130 -2.56 -1.74 -41.91
CA GLU B 130 -2.96 -2.24 -40.60
C GLU B 130 -3.92 -3.42 -40.70
N ILE B 131 -4.85 -3.38 -41.65
CA ILE B 131 -5.78 -4.49 -41.82
C ILE B 131 -4.99 -5.73 -42.25
N ARG B 132 -4.00 -5.55 -43.11
CA ARG B 132 -3.19 -6.67 -43.55
C ARG B 132 -2.35 -7.17 -42.39
N PHE B 133 -2.02 -6.28 -41.46
CA PHE B 133 -1.25 -6.67 -40.29
C PHE B 133 -2.13 -7.61 -39.46
N LEU B 134 -3.36 -7.19 -39.21
CA LEU B 134 -4.30 -7.98 -38.42
C LEU B 134 -4.55 -9.33 -39.09
N ARG B 135 -4.67 -9.33 -40.41
CA ARG B 135 -4.89 -10.57 -41.16
C ARG B 135 -3.66 -11.45 -41.00
N ALA B 136 -2.49 -10.84 -41.09
CA ALA B 136 -1.24 -11.57 -40.96
C ALA B 136 -1.19 -12.25 -39.58
N LEU B 137 -1.54 -11.48 -38.55
CA LEU B 137 -1.53 -12.01 -37.18
C LEU B 137 -2.47 -13.21 -37.09
N HIS B 138 -3.65 -13.08 -37.69
CA HIS B 138 -4.61 -14.18 -37.66
C HIS B 138 -4.03 -15.42 -38.34
N TYR B 139 -3.36 -15.23 -39.48
CA TYR B 139 -2.77 -16.37 -40.17
C TYR B 139 -1.67 -17.00 -39.32
N TRP B 140 -0.99 -16.20 -38.51
CA TRP B 140 0.05 -16.74 -37.65
C TRP B 140 -0.61 -17.71 -36.66
N TYR B 141 -1.79 -17.33 -36.16
CA TYR B 141 -2.50 -18.20 -35.22
C TYR B 141 -2.87 -19.51 -35.92
N PHE B 142 -3.30 -19.40 -37.18
CA PHE B 142 -3.64 -20.59 -37.94
C PHE B 142 -2.38 -21.44 -38.08
N LEU B 143 -1.27 -20.79 -38.43
CA LEU B 143 0.00 -21.49 -38.60
C LEU B 143 0.48 -22.14 -37.30
N ASP B 144 0.52 -21.36 -36.23
CA ASP B 144 0.98 -21.86 -34.94
C ASP B 144 0.09 -22.94 -34.34
N LEU B 145 -1.22 -22.80 -34.50
CA LEU B 145 -2.16 -23.76 -33.94
C LEU B 145 -2.43 -24.99 -34.80
N PHE B 146 -2.57 -24.78 -36.11
CA PHE B 146 -2.88 -25.88 -37.01
C PHE B 146 -1.79 -26.28 -38.00
N GLY B 147 -0.77 -25.45 -38.13
CA GLY B 147 0.31 -25.75 -39.06
C GLY B 147 -0.12 -25.48 -40.49
N LYS B 148 -1.34 -24.98 -40.65
CA LYS B 148 -1.89 -24.66 -41.97
C LYS B 148 -3.11 -23.77 -41.77
N ALA B 149 -3.78 -23.40 -42.84
CA ALA B 149 -4.95 -22.54 -42.73
C ALA B 149 -5.83 -22.55 -43.96
N PRO B 150 -7.15 -22.45 -43.77
CA PRO B 150 -8.06 -22.43 -44.91
C PRO B 150 -7.77 -21.04 -45.50
N PHE B 151 -6.99 -21.01 -46.56
CA PHE B 151 -6.57 -19.77 -47.18
C PHE B 151 -7.42 -19.13 -48.27
N LYS B 152 -7.53 -17.81 -48.18
CA LYS B 152 -8.25 -17.00 -49.17
C LYS B 152 -7.64 -15.61 -49.13
N GLU B 153 -7.35 -15.06 -50.30
CA GLU B 153 -6.77 -13.73 -50.39
C GLU B 153 -7.92 -12.74 -50.49
N HIS B 154 -9.02 -13.16 -51.10
CA HIS B 154 -10.18 -12.30 -51.31
C HIS B 154 -11.47 -12.79 -50.68
N PHE B 155 -12.46 -11.90 -50.68
CA PHE B 155 -13.78 -12.18 -50.15
C PHE B 155 -14.62 -12.72 -51.31
N SER B 156 -15.10 -13.95 -51.18
CA SER B 156 -15.92 -14.56 -52.24
C SER B 156 -16.66 -15.78 -51.72
N ASN B 157 -17.42 -16.42 -52.61
CA ASN B 157 -18.19 -17.60 -52.27
C ASN B 157 -17.36 -18.86 -52.43
N ASP B 158 -16.16 -18.72 -52.99
CA ASP B 158 -15.29 -19.86 -53.21
C ASP B 158 -14.72 -20.45 -51.93
N LEU B 159 -14.60 -21.77 -51.91
CA LEU B 159 -14.04 -22.48 -50.77
C LEU B 159 -12.59 -22.10 -50.62
N PRO B 160 -12.13 -21.93 -49.38
CA PRO B 160 -10.72 -21.58 -49.17
C PRO B 160 -9.86 -22.76 -49.65
N VAL B 161 -8.60 -22.48 -49.98
CA VAL B 161 -7.70 -23.53 -50.40
C VAL B 161 -6.71 -23.66 -49.24
N GLU B 162 -6.22 -24.88 -49.01
CA GLU B 162 -5.27 -25.08 -47.93
C GLU B 162 -3.90 -24.51 -48.29
N LYS B 163 -3.31 -23.78 -47.34
CA LYS B 163 -1.96 -23.24 -47.49
C LYS B 163 -1.32 -23.64 -46.18
N LYS B 164 -0.30 -24.48 -46.23
CA LYS B 164 0.32 -24.92 -44.99
C LYS B 164 1.79 -24.63 -44.84
N GLY B 165 2.32 -25.04 -43.69
CA GLY B 165 3.72 -24.89 -43.36
C GLY B 165 4.50 -23.72 -43.93
N THR B 166 5.58 -24.04 -44.62
CA THR B 166 6.48 -23.06 -45.20
C THR B 166 5.80 -22.05 -46.11
N GLU B 167 4.84 -22.51 -46.90
CA GLU B 167 4.14 -21.63 -47.81
C GLU B 167 3.34 -20.59 -47.03
N LEU B 168 2.70 -21.03 -45.95
CA LEU B 168 1.93 -20.12 -45.11
C LEU B 168 2.89 -19.17 -44.41
N TYR B 169 3.96 -19.74 -43.85
CA TYR B 169 4.98 -18.98 -43.15
C TYR B 169 5.50 -17.86 -44.05
N THR B 170 5.88 -18.23 -45.28
CA THR B 170 6.41 -17.27 -46.24
C THR B 170 5.41 -16.18 -46.58
N TYR B 171 4.16 -16.57 -46.78
CA TYR B 171 3.11 -15.62 -47.11
C TYR B 171 2.98 -14.56 -46.02
N ILE B 172 3.00 -15.00 -44.76
CA ILE B 172 2.87 -14.09 -43.63
C ILE B 172 4.05 -13.12 -43.54
N GLN B 173 5.26 -13.67 -43.59
CA GLN B 173 6.45 -12.83 -43.51
C GLN B 173 6.42 -11.80 -44.64
N ASN B 174 6.00 -12.24 -45.82
CA ASN B 174 5.92 -11.39 -46.99
C ASN B 174 4.92 -10.24 -46.76
N GLU B 175 3.74 -10.59 -46.25
CA GLU B 175 2.72 -9.59 -45.95
C GLU B 175 3.27 -8.49 -45.06
N LEU B 176 3.89 -8.92 -43.96
CA LEU B 176 4.45 -7.98 -42.99
C LEU B 176 5.55 -7.12 -43.61
N ASN B 177 6.40 -7.75 -44.42
CA ASN B 177 7.49 -7.03 -45.08
C ASN B 177 6.94 -5.96 -46.04
N GLU B 178 5.93 -6.33 -46.82
CA GLU B 178 5.32 -5.42 -47.78
C GLU B 178 4.59 -4.21 -47.18
N ILE B 179 3.89 -4.39 -46.06
CA ILE B 179 3.13 -3.32 -45.43
C ILE B 179 3.89 -2.43 -44.44
N GLU B 180 5.12 -2.81 -44.10
CA GLU B 180 5.89 -2.05 -43.14
C GLU B 180 5.94 -0.54 -43.39
N ALA B 181 6.41 -0.16 -44.58
CA ALA B 181 6.54 1.24 -44.93
C ALA B 181 5.32 2.14 -44.68
N ASP B 182 4.12 1.59 -44.80
CA ASP B 182 2.91 2.39 -44.62
C ASP B 182 2.40 2.46 -43.18
N MET B 183 3.03 1.71 -42.28
CA MET B 183 2.61 1.70 -40.90
C MET B 183 3.25 2.80 -40.08
N TYR B 184 2.59 3.19 -39.00
CA TYR B 184 3.08 4.25 -38.14
C TYR B 184 4.44 3.96 -37.54
N GLU B 185 5.16 5.03 -37.21
CA GLU B 185 6.44 4.92 -36.55
C GLU B 185 6.11 4.46 -35.14
N PRO B 186 7.03 3.73 -34.49
CA PRO B 186 6.78 3.25 -33.13
C PRO B 186 6.24 4.31 -32.16
N ARG B 187 5.09 4.00 -31.56
CA ARG B 187 4.42 4.87 -30.60
C ARG B 187 3.83 6.17 -31.16
N GLN B 188 3.67 6.23 -32.49
CA GLN B 188 3.10 7.42 -33.11
C GLN B 188 1.63 7.22 -33.47
N ALA B 189 1.21 5.97 -33.55
CA ALA B 189 -0.18 5.65 -33.90
C ALA B 189 -1.10 5.84 -32.70
N PRO B 190 -2.39 6.11 -32.97
CA PRO B 190 -3.36 6.28 -31.88
C PRO B 190 -3.32 4.97 -31.08
N PHE B 191 -3.39 5.07 -29.76
CA PHE B 191 -3.34 3.87 -28.92
C PHE B 191 -4.41 2.87 -29.33
N GLY B 192 -3.98 1.64 -29.58
CA GLY B 192 -4.90 0.59 -30.00
C GLY B 192 -4.59 0.13 -31.42
N ARG B 193 -3.87 0.94 -32.19
CA ARG B 193 -3.51 0.60 -33.56
C ARG B 193 -2.08 0.09 -33.66
N ALA B 194 -1.83 -0.78 -34.63
CA ALA B 194 -0.51 -1.38 -34.82
C ALA B 194 0.45 -0.52 -35.64
N ASP B 195 1.66 -0.34 -35.11
CA ASP B 195 2.69 0.44 -35.79
C ASP B 195 3.79 -0.49 -36.30
N LYS B 196 4.89 0.09 -36.77
CA LYS B 196 6.01 -0.72 -37.29
C LYS B 196 6.57 -1.71 -36.27
N ALA B 197 6.58 -1.31 -35.00
CA ALA B 197 7.11 -2.17 -33.94
C ALA B 197 6.26 -3.42 -33.76
N ALA B 198 4.95 -3.28 -33.93
CA ALA B 198 4.03 -4.41 -33.81
C ALA B 198 4.34 -5.35 -34.97
N ASN B 199 4.60 -4.77 -36.13
CA ASN B 199 4.94 -5.53 -37.32
C ASN B 199 6.23 -6.32 -37.07
N TRP B 200 7.26 -5.62 -36.58
CA TRP B 200 8.54 -6.26 -36.31
C TRP B 200 8.44 -7.32 -35.21
N LEU B 201 7.62 -7.07 -34.19
CA LEU B 201 7.48 -8.03 -33.12
C LEU B 201 6.89 -9.34 -33.65
N LEU B 202 5.87 -9.24 -34.48
CA LEU B 202 5.24 -10.44 -35.05
C LEU B 202 6.21 -11.21 -35.94
N ARG B 203 7.03 -10.47 -36.69
CA ARG B 203 8.02 -11.11 -37.57
C ARG B 203 9.06 -11.83 -36.72
N ALA B 204 9.50 -11.20 -35.64
CA ALA B 204 10.48 -11.82 -34.78
C ALA B 204 9.91 -13.11 -34.19
N ARG B 205 8.61 -13.09 -33.90
CA ARG B 205 7.93 -14.26 -33.34
C ARG B 205 7.91 -15.37 -34.39
N LEU B 206 7.65 -15.00 -35.64
CA LEU B 206 7.63 -15.95 -36.75
C LEU B 206 9.03 -16.55 -36.96
N TYR B 207 10.03 -15.68 -37.01
CA TYR B 207 11.42 -16.14 -37.19
C TYR B 207 11.86 -17.06 -36.06
N LEU B 208 11.46 -16.73 -34.84
CA LEU B 208 11.82 -17.54 -33.68
C LEU B 208 11.24 -18.95 -33.83
N ASN B 209 10.03 -19.04 -34.37
CA ASN B 209 9.35 -20.31 -34.56
C ASN B 209 9.52 -20.89 -35.97
N ALA B 210 10.38 -20.27 -36.78
CA ALA B 210 10.60 -20.74 -38.15
C ALA B 210 10.95 -22.23 -38.19
N GLY B 211 11.79 -22.66 -37.26
CA GLY B 211 12.17 -24.05 -37.22
C GLY B 211 10.96 -24.95 -37.11
N VAL B 212 9.99 -24.52 -36.32
CA VAL B 212 8.76 -25.29 -36.13
C VAL B 212 7.86 -25.27 -37.35
N TYR B 213 7.72 -24.09 -37.97
CA TYR B 213 6.83 -23.96 -39.12
C TYR B 213 7.40 -24.42 -40.46
N THR B 214 8.71 -24.31 -40.64
CA THR B 214 9.31 -24.67 -41.91
C THR B 214 10.32 -25.80 -41.88
N GLY B 215 10.85 -26.11 -40.70
CA GLY B 215 11.84 -27.17 -40.59
C GLY B 215 13.23 -26.55 -40.54
N GLN B 216 13.30 -25.27 -40.89
CA GLN B 216 14.55 -24.53 -40.90
C GLN B 216 14.47 -23.36 -39.93
N THR B 217 15.43 -23.29 -39.00
CA THR B 217 15.47 -22.23 -38.02
C THR B 217 15.98 -20.94 -38.66
N ASP B 218 15.81 -19.82 -37.97
CA ASP B 218 16.26 -18.54 -38.47
C ASP B 218 16.39 -17.60 -37.29
N TYR B 219 17.10 -18.05 -36.27
CA TYR B 219 17.29 -17.27 -35.06
C TYR B 219 18.01 -15.95 -35.29
N ALA B 220 18.79 -15.87 -36.36
CA ALA B 220 19.49 -14.65 -36.70
C ALA B 220 18.46 -13.55 -36.98
N LYS B 221 17.45 -13.88 -37.77
CA LYS B 221 16.42 -12.90 -38.11
C LYS B 221 15.56 -12.58 -36.90
N ALA B 222 15.34 -13.56 -36.04
CA ALA B 222 14.55 -13.37 -34.84
C ALA B 222 15.26 -12.32 -33.99
N GLU B 223 16.57 -12.46 -33.89
CA GLU B 223 17.39 -11.53 -33.14
C GLU B 223 17.31 -10.14 -33.76
N GLU B 224 17.49 -10.09 -35.07
CA GLU B 224 17.45 -8.82 -35.81
C GLU B 224 16.15 -8.07 -35.60
N TYR B 225 15.03 -8.73 -35.88
CA TYR B 225 13.75 -8.07 -35.72
C TYR B 225 13.41 -7.74 -34.28
N ALA B 226 13.88 -8.57 -33.35
CA ALA B 226 13.65 -8.32 -31.93
C ALA B 226 14.41 -7.05 -31.56
N SER B 227 15.60 -6.88 -32.13
CA SER B 227 16.42 -5.70 -31.87
C SER B 227 15.77 -4.44 -32.43
N LYS B 228 15.04 -4.55 -33.53
CA LYS B 228 14.37 -3.38 -34.10
C LYS B 228 13.34 -2.87 -33.10
N VAL B 229 12.67 -3.81 -32.43
CA VAL B 229 11.65 -3.45 -31.45
C VAL B 229 12.34 -2.82 -30.24
N ILE B 230 13.31 -3.52 -29.69
CA ILE B 230 14.03 -3.03 -28.52
C ILE B 230 14.66 -1.66 -28.75
N GLY B 231 15.10 -1.40 -29.99
CA GLY B 231 15.71 -0.12 -30.30
C GLY B 231 14.72 1.00 -30.55
N SER B 232 13.42 0.69 -30.62
CA SER B 232 12.41 1.72 -30.87
C SER B 232 12.12 2.53 -29.61
N ALA B 233 11.12 3.42 -29.70
CA ALA B 233 10.73 4.27 -28.58
C ALA B 233 10.13 3.50 -27.41
N TYR B 234 9.69 2.28 -27.66
CA TYR B 234 9.10 1.45 -26.61
C TYR B 234 10.13 1.15 -25.52
N LYS B 235 9.66 1.15 -24.28
CA LYS B 235 10.51 0.88 -23.13
C LYS B 235 9.75 0.01 -22.13
N LEU B 236 10.47 -0.59 -21.18
CA LEU B 236 9.82 -1.46 -20.20
C LEU B 236 9.15 -0.71 -19.04
N CYS B 237 7.95 -1.13 -18.69
CA CYS B 237 7.21 -0.54 -17.57
C CYS B 237 8.05 -0.83 -16.33
N THR B 238 8.21 0.17 -15.45
CA THR B 238 9.01 -0.03 -14.26
C THR B 238 8.32 -0.85 -13.18
N ASN B 239 7.00 -0.99 -13.29
CA ASN B 239 6.24 -1.77 -12.32
C ASN B 239 5.44 -2.79 -13.13
N TYR B 240 5.91 -4.03 -13.11
CA TYR B 240 5.26 -5.10 -13.88
C TYR B 240 3.75 -5.18 -13.75
N SER B 241 3.25 -5.16 -12.51
CA SER B 241 1.81 -5.26 -12.27
C SER B 241 0.97 -4.24 -13.03
N GLU B 242 1.46 -3.01 -13.14
CA GLU B 242 0.74 -1.95 -13.82
C GLU B 242 0.33 -2.29 -15.26
N LEU B 243 1.09 -3.18 -15.90
CA LEU B 243 0.78 -3.58 -17.28
C LEU B 243 -0.57 -4.27 -17.42
N PHE B 244 -1.04 -4.86 -16.33
CA PHE B 244 -2.29 -5.59 -16.35
C PHE B 244 -3.35 -5.00 -15.43
N MET B 245 -3.31 -3.68 -15.27
CA MET B 245 -4.26 -2.96 -14.43
C MET B 245 -5.21 -2.09 -15.25
N ALA B 246 -6.30 -1.70 -14.61
CA ALA B 246 -7.36 -0.90 -15.23
C ALA B 246 -6.96 0.38 -15.96
N ASP B 247 -5.87 1.01 -15.53
CA ASP B 247 -5.43 2.24 -16.18
C ASP B 247 -4.27 2.01 -17.13
N ASN B 248 -4.13 0.79 -17.64
CA ASN B 248 -3.02 0.51 -18.56
C ASN B 248 -3.20 1.16 -19.93
N ASP B 249 -4.21 2.01 -20.06
CA ASP B 249 -4.41 2.74 -21.30
C ASP B 249 -4.39 4.24 -21.01
N GLU B 250 -3.96 4.59 -19.80
CA GLU B 250 -3.86 5.98 -19.35
C GLU B 250 -2.69 6.14 -18.37
N ASN B 251 -1.74 5.21 -18.46
CA ASN B 251 -0.57 5.19 -17.60
C ASN B 251 0.65 5.05 -18.50
N GLU B 252 1.44 6.11 -18.62
CA GLU B 252 2.62 6.11 -19.49
C GLU B 252 3.60 5.01 -19.15
N ASN B 253 3.71 4.70 -17.86
CA ASN B 253 4.63 3.66 -17.42
C ASN B 253 4.29 2.35 -18.12
N ALA B 254 2.98 2.08 -18.21
CA ALA B 254 2.51 0.85 -18.84
C ALA B 254 2.48 0.98 -20.37
N MET B 255 1.89 2.06 -20.85
CA MET B 255 1.74 2.29 -22.29
C MET B 255 3.05 2.28 -23.06
N GLN B 256 4.12 2.75 -22.44
CA GLN B 256 5.42 2.79 -23.11
C GLN B 256 5.91 1.40 -23.51
N GLU B 257 5.31 0.35 -22.94
CA GLU B 257 5.69 -1.01 -23.25
C GLU B 257 4.68 -1.77 -24.11
N ILE B 258 3.43 -1.33 -24.06
CA ILE B 258 2.34 -1.99 -24.79
C ILE B 258 2.29 -1.64 -26.27
N ILE B 259 2.91 -2.50 -27.08
CA ILE B 259 2.99 -2.33 -28.52
C ILE B 259 1.65 -2.56 -29.21
N LEU B 260 0.83 -3.48 -28.69
CA LEU B 260 -0.49 -3.73 -29.27
C LEU B 260 -1.49 -4.12 -28.20
N PRO B 261 -2.33 -3.17 -27.78
CA PRO B 261 -3.33 -3.48 -26.76
C PRO B 261 -4.65 -3.81 -27.42
N ILE B 262 -5.45 -4.62 -26.73
CA ILE B 262 -6.78 -4.94 -27.21
C ILE B 262 -7.60 -4.08 -26.25
N ARG B 263 -8.16 -2.99 -26.77
CA ARG B 263 -8.94 -2.09 -25.93
C ARG B 263 -10.14 -2.79 -25.28
N GLN B 264 -10.29 -2.56 -23.97
CA GLN B 264 -11.40 -3.11 -23.19
C GLN B 264 -11.85 -1.98 -22.29
N ASP B 265 -13.14 -1.90 -22.03
CA ASP B 265 -13.69 -0.87 -21.17
C ASP B 265 -14.94 -1.38 -20.47
N GLY B 266 -15.03 -1.12 -19.17
CA GLY B 266 -16.15 -1.58 -18.38
C GLY B 266 -17.52 -1.17 -18.89
N VAL B 267 -17.61 0.01 -19.48
CA VAL B 267 -18.88 0.50 -19.99
C VAL B 267 -19.07 0.26 -21.48
N LYS B 268 -18.08 0.66 -22.26
CA LYS B 268 -18.13 0.57 -23.72
C LYS B 268 -17.73 -0.72 -24.42
N THR B 269 -16.63 -1.31 -24.00
CA THR B 269 -16.13 -2.53 -24.65
C THR B 269 -16.06 -3.72 -23.73
N ARG B 270 -17.13 -4.52 -23.76
CA ARG B 270 -17.25 -5.70 -22.91
C ARG B 270 -17.12 -7.01 -23.70
N ASN B 271 -16.60 -8.03 -23.03
CA ASN B 271 -16.44 -9.34 -23.64
C ASN B 271 -16.25 -10.37 -22.54
N TYR B 272 -17.16 -11.33 -22.45
CA TYR B 272 -17.05 -12.37 -21.43
C TYR B 272 -15.73 -13.10 -21.63
N GLY B 273 -15.18 -12.98 -22.85
CA GLY B 273 -13.92 -13.63 -23.15
C GLY B 273 -12.79 -12.63 -23.30
N GLY B 274 -13.02 -11.41 -22.84
CA GLY B 274 -11.98 -10.39 -22.93
C GLY B 274 -11.27 -10.27 -21.60
N SER B 275 -11.01 -9.05 -21.15
CA SER B 275 -10.35 -8.87 -19.87
C SER B 275 -11.31 -9.31 -18.76
N THR B 276 -12.59 -9.40 -19.09
CA THR B 276 -13.60 -9.84 -18.14
C THR B 276 -13.25 -11.27 -17.75
N TYR B 277 -12.86 -12.03 -18.76
CA TYR B 277 -12.47 -13.43 -18.62
C TYR B 277 -11.22 -13.57 -17.73
N LEU B 278 -10.29 -12.65 -17.91
CA LEU B 278 -9.03 -12.68 -17.16
C LEU B 278 -9.16 -12.22 -15.71
N VAL B 279 -10.10 -11.33 -15.44
CA VAL B 279 -10.31 -10.84 -14.09
C VAL B 279 -11.36 -11.70 -13.36
N CYS B 280 -12.58 -11.70 -13.88
CA CYS B 280 -13.67 -12.47 -13.28
C CYS B 280 -13.37 -13.96 -13.25
N GLY B 281 -12.83 -14.49 -14.34
CA GLY B 281 -12.52 -15.91 -14.40
C GLY B 281 -11.47 -16.44 -13.43
N THR B 282 -10.65 -15.56 -12.87
CA THR B 282 -9.61 -15.97 -11.94
C THR B 282 -9.91 -15.62 -10.50
N ARG B 283 -11.13 -15.17 -10.23
CA ARG B 283 -11.51 -14.78 -8.89
C ARG B 283 -12.72 -15.54 -8.36
N VAL B 284 -12.88 -15.52 -7.04
CA VAL B 284 -14.01 -16.16 -6.38
C VAL B 284 -14.38 -15.29 -5.17
N ALA B 285 -15.66 -15.24 -4.83
CA ALA B 285 -16.11 -14.44 -3.69
C ALA B 285 -15.24 -14.78 -2.49
N GLY B 286 -14.85 -13.78 -1.72
CA GLY B 286 -14.02 -14.04 -0.56
C GLY B 286 -12.60 -13.55 -0.75
N MET B 287 -12.13 -13.55 -2.00
CA MET B 287 -10.77 -13.07 -2.29
C MET B 287 -10.71 -11.56 -2.09
N PRO B 288 -9.66 -11.08 -1.42
CA PRO B 288 -9.56 -9.64 -1.22
C PRO B 288 -9.27 -8.91 -2.52
N ARG B 289 -9.82 -7.70 -2.67
CA ARG B 289 -9.60 -6.89 -3.86
C ARG B 289 -9.92 -7.61 -5.17
N MET B 290 -11.15 -8.08 -5.32
CA MET B 290 -11.57 -8.78 -6.53
C MET B 290 -11.62 -7.83 -7.73
N GLY B 291 -11.90 -6.56 -7.47
CA GLY B 291 -11.99 -5.59 -8.55
C GLY B 291 -13.21 -5.82 -9.42
N THR B 292 -14.10 -6.71 -8.97
CA THR B 292 -15.32 -7.02 -9.70
C THR B 292 -16.32 -7.62 -8.74
N THR B 293 -17.60 -7.54 -9.11
CA THR B 293 -18.65 -8.09 -8.28
C THR B 293 -18.84 -9.57 -8.58
N ASN B 294 -18.26 -10.05 -9.67
CA ASN B 294 -18.44 -11.44 -10.06
C ASN B 294 -17.19 -12.30 -10.23
N GLY B 295 -16.99 -13.21 -9.29
CA GLY B 295 -15.86 -14.12 -9.37
C GLY B 295 -16.37 -15.45 -9.92
N TRP B 296 -15.90 -15.83 -11.11
CA TRP B 296 -16.36 -17.07 -11.74
C TRP B 296 -15.64 -18.32 -11.23
N SER B 297 -14.51 -18.13 -10.58
CA SER B 297 -13.70 -19.24 -10.05
C SER B 297 -13.49 -20.31 -11.12
N CYS B 298 -12.92 -19.90 -12.24
CA CYS B 298 -12.66 -20.78 -13.38
C CYS B 298 -11.19 -21.12 -13.61
N ILE B 299 -10.34 -20.10 -13.63
CA ILE B 299 -8.93 -20.29 -13.90
C ILE B 299 -8.00 -20.16 -12.70
N PHE B 300 -7.17 -21.18 -12.49
CA PHE B 300 -6.19 -21.15 -11.41
C PHE B 300 -4.89 -21.80 -11.87
N ALA B 301 -3.82 -21.58 -11.12
CA ALA B 301 -2.50 -22.10 -11.48
C ALA B 301 -2.25 -23.56 -11.17
N ARG B 302 -1.51 -24.22 -12.05
CA ARG B 302 -1.14 -25.62 -11.81
C ARG B 302 0.06 -25.51 -10.90
N ALA B 303 0.43 -26.60 -10.24
CA ALA B 303 1.59 -26.58 -9.34
C ALA B 303 2.84 -26.18 -10.13
N ALA B 304 2.96 -26.69 -11.34
CA ALA B 304 4.11 -26.39 -12.18
C ALA B 304 4.28 -24.89 -12.45
N MET B 305 3.18 -24.14 -12.41
CA MET B 305 3.24 -22.70 -12.65
C MET B 305 3.84 -22.02 -11.43
N VAL B 306 3.39 -22.44 -10.26
CA VAL B 306 3.88 -21.87 -9.02
C VAL B 306 5.37 -22.20 -8.87
N GLN B 307 5.77 -23.37 -9.36
CA GLN B 307 7.16 -23.79 -9.26
C GLN B 307 8.09 -22.89 -10.09
N LYS B 308 7.53 -22.18 -11.07
CA LYS B 308 8.31 -21.28 -11.89
C LYS B 308 8.88 -20.17 -11.00
N PHE B 309 8.20 -19.89 -9.89
CA PHE B 309 8.64 -18.87 -8.96
C PHE B 309 9.28 -19.47 -7.73
N PHE B 310 8.93 -20.72 -7.42
CA PHE B 310 9.50 -21.42 -6.27
C PHE B 310 9.96 -22.80 -6.69
N SER B 311 11.23 -22.93 -7.06
CA SER B 311 11.79 -24.21 -7.50
C SER B 311 11.42 -25.29 -6.49
N ASN B 312 11.46 -24.94 -5.21
CA ASN B 312 11.08 -25.88 -4.16
C ASN B 312 9.73 -25.43 -3.65
N LEU B 313 8.68 -26.15 -4.04
CA LEU B 313 7.33 -25.81 -3.65
C LEU B 313 7.12 -25.70 -2.14
N GLU B 314 8.09 -26.17 -1.36
CA GLU B 314 7.97 -26.08 0.09
C GLU B 314 8.24 -24.66 0.56
N ASP B 315 8.80 -23.84 -0.33
CA ASP B 315 9.08 -22.45 0.01
C ASP B 315 7.87 -21.54 -0.21
N VAL B 316 6.87 -22.07 -0.90
CA VAL B 316 5.65 -21.33 -1.18
C VAL B 316 4.89 -21.03 0.11
N PRO B 317 4.64 -19.75 0.39
CA PRO B 317 3.90 -19.40 1.61
C PRO B 317 2.54 -20.07 1.59
N MET B 318 2.26 -20.87 2.62
CA MET B 318 1.00 -21.60 2.71
C MET B 318 0.46 -21.65 4.14
N LEU B 319 -0.87 -21.71 4.25
CA LEU B 319 -1.51 -21.82 5.54
C LEU B 319 -1.33 -23.28 5.98
N PRO B 320 -0.89 -23.50 7.23
CA PRO B 320 -0.70 -24.88 7.69
C PRO B 320 -2.04 -25.63 7.67
N ALA B 321 -1.99 -26.94 7.41
CA ALA B 321 -3.20 -27.75 7.37
C ALA B 321 -3.92 -27.79 8.72
N ASP B 322 -3.18 -27.69 9.81
CA ASP B 322 -3.78 -27.75 11.15
C ASP B 322 -4.36 -26.43 11.63
N VAL B 323 -4.31 -25.41 10.78
CA VAL B 323 -4.88 -24.11 11.13
C VAL B 323 -6.22 -24.05 10.42
N GLU B 324 -7.31 -24.03 11.20
CA GLU B 324 -8.63 -24.00 10.59
C GLU B 324 -9.06 -22.59 10.22
N ILE B 325 -9.82 -22.50 9.13
CA ILE B 325 -10.31 -21.21 8.67
C ILE B 325 -11.65 -20.93 9.33
N PRO B 326 -11.74 -19.83 10.10
CA PRO B 326 -12.98 -19.44 10.79
C PRO B 326 -14.16 -19.34 9.85
N THR B 327 -15.35 -19.64 10.37
CA THR B 327 -16.58 -19.60 9.60
C THR B 327 -17.10 -18.17 9.57
N LYS B 328 -16.63 -17.37 10.52
CA LYS B 328 -17.04 -15.98 10.63
C LYS B 328 -15.85 -15.07 10.96
N GLY B 329 -16.04 -13.76 10.76
CA GLY B 329 -14.99 -12.81 11.05
C GLY B 329 -14.06 -12.61 9.86
N LEU B 330 -14.48 -13.12 8.71
CA LEU B 330 -13.69 -12.99 7.49
C LEU B 330 -14.60 -12.54 6.35
N ASP B 331 -15.43 -11.56 6.64
CA ASP B 331 -16.39 -11.04 5.67
C ASP B 331 -15.88 -9.86 4.85
N THR B 332 -14.84 -9.19 5.32
CA THR B 332 -14.32 -8.04 4.60
C THR B 332 -12.87 -8.23 4.16
N ASP B 333 -12.42 -7.37 3.25
CA ASP B 333 -11.05 -7.43 2.75
C ASP B 333 -10.07 -7.18 3.89
N GLU B 334 -10.43 -6.26 4.78
CA GLU B 334 -9.60 -5.92 5.92
C GLU B 334 -9.40 -7.16 6.81
N GLN B 335 -10.48 -7.88 7.08
CA GLN B 335 -10.40 -9.08 7.90
C GLN B 335 -9.59 -10.16 7.19
N ILE B 336 -9.88 -10.38 5.92
CA ILE B 336 -9.17 -11.38 5.13
C ILE B 336 -7.68 -11.10 5.11
N ASP B 337 -7.31 -9.85 4.84
CA ASP B 337 -5.89 -9.46 4.79
C ASP B 337 -5.20 -9.67 6.13
N ALA B 338 -5.86 -9.25 7.21
CA ALA B 338 -5.28 -9.39 8.53
C ALA B 338 -4.99 -10.86 8.80
N PHE B 339 -5.95 -11.71 8.49
CA PHE B 339 -5.78 -13.15 8.71
C PHE B 339 -4.61 -13.65 7.86
N ASP B 340 -4.60 -13.26 6.58
CA ASP B 340 -3.52 -13.67 5.67
C ASP B 340 -2.18 -13.16 6.14
N ALA B 341 -2.16 -11.93 6.67
CA ALA B 341 -0.92 -11.33 7.17
C ALA B 341 -0.36 -12.15 8.31
N GLU B 342 -1.24 -12.55 9.23
CA GLU B 342 -0.84 -13.35 10.38
C GLU B 342 -0.16 -14.65 9.97
N HIS B 343 -0.62 -15.22 8.86
CA HIS B 343 -0.05 -16.47 8.37
C HIS B 343 0.88 -16.27 7.17
N GLY B 344 1.25 -15.02 6.95
CA GLY B 344 2.14 -14.68 5.85
C GLY B 344 1.71 -15.14 4.47
N ILE B 345 0.41 -15.09 4.19
CA ILE B 345 -0.08 -15.52 2.89
C ILE B 345 -0.83 -14.47 2.07
N ARG B 346 -0.50 -13.20 2.26
CA ARG B 346 -1.10 -12.14 1.46
C ARG B 346 -0.30 -12.23 0.16
N THR B 347 -0.87 -11.76 -0.95
CA THR B 347 -0.14 -11.82 -2.20
C THR B 347 1.19 -11.06 -2.09
N GLU B 348 1.21 -9.99 -1.29
CA GLU B 348 2.45 -9.23 -1.12
C GLU B 348 3.49 -10.08 -0.40
N ASP B 349 3.02 -10.99 0.45
CA ASP B 349 3.92 -11.90 1.17
C ASP B 349 4.41 -12.97 0.19
N MET B 350 3.54 -13.32 -0.75
CA MET B 350 3.86 -14.30 -1.78
C MET B 350 5.01 -13.74 -2.64
N ILE B 351 4.84 -12.49 -3.06
CA ILE B 351 5.82 -11.79 -3.88
C ILE B 351 7.15 -11.66 -3.15
N LYS B 352 7.10 -11.26 -1.88
CA LYS B 352 8.30 -11.10 -1.08
C LYS B 352 9.07 -12.41 -1.00
N ALA B 353 8.34 -13.50 -0.75
CA ALA B 353 8.95 -14.81 -0.63
C ALA B 353 9.53 -15.28 -1.98
N ALA B 354 8.83 -14.99 -3.06
CA ALA B 354 9.28 -15.39 -4.39
C ALA B 354 10.47 -14.57 -4.87
N GLY B 355 10.64 -13.37 -4.31
CA GLY B 355 11.73 -12.51 -4.75
C GLY B 355 11.53 -12.15 -6.21
N ASP B 356 10.27 -11.98 -6.62
CA ASP B 356 9.94 -11.64 -8.00
C ASP B 356 8.59 -10.92 -8.02
N ASP B 357 8.55 -9.72 -8.60
CA ASP B 357 7.32 -8.93 -8.67
C ASP B 357 6.22 -9.62 -9.47
N ARG B 358 6.61 -10.55 -10.34
CA ARG B 358 5.65 -11.24 -11.19
C ARG B 358 4.90 -12.38 -10.51
N ALA B 359 5.30 -12.73 -9.30
CA ALA B 359 4.64 -13.83 -8.57
C ALA B 359 3.30 -13.37 -8.04
N LEU B 360 2.44 -12.88 -8.93
CA LEU B 360 1.12 -12.39 -8.57
C LEU B 360 0.15 -13.54 -8.33
N LEU B 361 0.41 -14.29 -7.26
CA LEU B 361 -0.40 -15.44 -6.88
C LEU B 361 -1.04 -15.24 -5.51
N TYR B 362 -2.10 -16.00 -5.24
CA TYR B 362 -2.79 -15.90 -3.95
C TYR B 362 -3.02 -17.26 -3.33
N SER B 363 -2.47 -17.45 -2.12
CA SER B 363 -2.64 -18.70 -1.39
C SER B 363 -3.38 -18.39 -0.09
N GLY B 364 -3.94 -17.19 0.01
CA GLY B 364 -4.64 -16.79 1.22
C GLY B 364 -5.96 -17.52 1.43
N VAL B 365 -6.62 -17.24 2.56
CA VAL B 365 -7.88 -17.91 2.90
C VAL B 365 -9.13 -17.35 2.22
N GLY B 366 -8.99 -16.20 1.57
CA GLY B 366 -10.14 -15.61 0.89
C GLY B 366 -10.61 -16.55 -0.21
N GLY B 367 -11.81 -17.09 -0.05
CA GLY B 367 -12.33 -18.01 -1.04
C GLY B 367 -12.15 -19.47 -0.64
N GLY B 368 -11.46 -19.70 0.48
CA GLY B 368 -11.26 -21.05 0.96
C GLY B 368 -9.81 -21.53 0.99
N ARG B 369 -9.59 -22.66 1.67
CA ARG B 369 -8.26 -23.24 1.79
C ARG B 369 -7.80 -23.70 0.41
N ARG B 370 -6.60 -23.27 0.02
CA ARG B 370 -6.07 -23.65 -1.28
C ARG B 370 -4.95 -24.66 -1.23
N LYS B 371 -4.80 -25.41 -2.33
CA LYS B 371 -3.74 -26.39 -2.47
C LYS B 371 -2.82 -25.84 -3.54
N ILE B 372 -1.61 -26.39 -3.62
CA ILE B 372 -0.67 -25.96 -4.65
C ILE B 372 -0.84 -27.01 -5.74
N GLN B 373 -0.93 -28.27 -5.30
CA GLN B 373 -1.09 -29.40 -6.20
C GLN B 373 -2.25 -30.25 -5.70
N THR B 374 -2.99 -30.85 -6.63
CA THR B 374 -4.12 -31.68 -6.26
C THR B 374 -4.01 -33.07 -6.91
N ASP B 375 -4.60 -34.06 -6.26
CA ASP B 375 -4.57 -35.43 -6.76
C ASP B 375 -5.82 -35.71 -7.58
N ALA B 376 -6.63 -34.67 -7.74
CA ALA B 376 -7.86 -34.76 -8.51
C ALA B 376 -8.38 -33.35 -8.73
N ILE B 377 -8.70 -33.02 -9.98
CA ILE B 377 -9.21 -31.68 -10.29
C ILE B 377 -10.67 -31.62 -9.87
N SER B 378 -10.91 -31.12 -8.67
CA SER B 378 -12.27 -31.05 -8.13
C SER B 378 -12.88 -29.66 -8.12
N GLY B 379 -12.06 -28.65 -7.89
CA GLY B 379 -12.57 -27.29 -7.84
C GLY B 379 -11.52 -26.19 -7.98
N PHE B 380 -12.02 -24.96 -7.98
CA PHE B 380 -11.19 -23.77 -8.13
C PHE B 380 -10.06 -23.62 -7.10
N THR B 381 -10.31 -24.07 -5.87
CA THR B 381 -9.28 -23.95 -4.83
C THR B 381 -8.23 -25.07 -4.84
N ASP B 382 -8.28 -25.93 -5.85
CA ASP B 382 -7.30 -27.02 -5.95
C ASP B 382 -5.94 -26.55 -6.43
N GLY B 383 -5.80 -25.25 -6.60
CA GLY B 383 -4.54 -24.68 -7.02
C GLY B 383 -4.52 -23.23 -6.58
N LEU B 384 -3.36 -22.58 -6.63
CA LEU B 384 -3.29 -21.18 -6.22
C LEU B 384 -4.05 -20.30 -7.20
N SER B 385 -4.54 -19.17 -6.72
CA SER B 385 -5.27 -18.25 -7.58
C SER B 385 -4.26 -17.31 -8.23
N ILE B 386 -4.56 -16.89 -9.46
CA ILE B 386 -3.70 -15.99 -10.20
C ILE B 386 -4.33 -14.59 -10.19
N VAL B 387 -3.67 -13.64 -9.53
CA VAL B 387 -4.19 -12.28 -9.46
C VAL B 387 -3.39 -11.30 -10.30
N LYS B 388 -2.76 -11.81 -11.35
CA LYS B 388 -1.97 -11.01 -12.27
C LYS B 388 -2.81 -9.90 -12.92
N TRP B 389 -3.98 -10.27 -13.42
CA TRP B 389 -4.86 -9.31 -14.06
C TRP B 389 -5.74 -8.67 -12.99
N GLN B 390 -5.89 -7.35 -13.06
CA GLN B 390 -6.70 -6.64 -12.07
C GLN B 390 -7.56 -5.54 -12.67
N ASN B 391 -8.67 -5.24 -12.00
CA ASN B 391 -9.52 -4.16 -12.44
C ASN B 391 -9.42 -3.00 -11.46
N TYR B 392 -8.18 -2.65 -11.12
CA TYR B 392 -7.88 -1.53 -10.22
C TYR B 392 -6.87 -0.68 -10.97
N ARG B 393 -6.99 0.64 -10.85
CA ARG B 393 -6.06 1.56 -11.52
C ARG B 393 -4.86 1.79 -10.61
N SER B 394 -3.68 1.91 -11.19
CA SER B 394 -2.45 2.13 -10.42
C SER B 394 -2.49 3.49 -9.73
N ASP B 395 -3.27 4.42 -10.29
CA ASP B 395 -3.37 5.75 -9.69
C ASP B 395 -4.51 5.81 -8.67
N GLY B 396 -5.09 4.64 -8.38
CA GLY B 396 -6.16 4.55 -7.41
C GLY B 396 -7.50 5.18 -7.76
N LYS B 397 -7.60 5.77 -8.96
CA LYS B 397 -8.85 6.41 -9.36
C LYS B 397 -9.93 5.38 -9.67
N PRO B 398 -11.20 5.81 -9.72
CA PRO B 398 -12.32 4.91 -10.00
C PRO B 398 -12.30 4.30 -11.39
N VAL B 399 -12.78 3.05 -11.50
CA VAL B 399 -12.88 2.40 -12.81
C VAL B 399 -14.28 2.73 -13.28
N SER B 400 -14.57 2.50 -14.56
CA SER B 400 -15.89 2.82 -15.11
C SER B 400 -17.04 1.91 -14.68
N HIS B 401 -16.74 0.66 -14.36
CA HIS B 401 -17.83 -0.27 -14.00
C HIS B 401 -17.51 -1.17 -12.81
N ALA B 402 -18.55 -1.58 -12.10
CA ALA B 402 -18.41 -2.43 -10.93
C ALA B 402 -18.23 -3.90 -11.26
N THR B 403 -18.61 -4.30 -12.47
CA THR B 403 -18.47 -5.69 -12.87
C THR B 403 -17.46 -5.93 -13.99
N TYR B 404 -17.64 -5.23 -15.11
CA TYR B 404 -16.73 -5.40 -16.24
C TYR B 404 -15.50 -4.52 -16.10
N PRO B 405 -14.30 -5.10 -16.30
CA PRO B 405 -13.04 -4.38 -16.19
C PRO B 405 -12.69 -3.40 -17.31
N ASP B 406 -11.89 -2.39 -16.97
CA ASP B 406 -11.43 -1.39 -17.92
C ASP B 406 -10.09 -1.83 -18.48
N THR B 407 -9.47 -2.78 -17.79
CA THR B 407 -8.16 -3.30 -18.16
C THR B 407 -8.05 -3.76 -19.60
N ASP B 408 -7.09 -3.19 -20.32
CA ASP B 408 -6.83 -3.55 -21.71
C ASP B 408 -5.97 -4.81 -21.67
N ILE B 409 -6.01 -5.59 -22.75
CA ILE B 409 -5.19 -6.78 -22.82
C ILE B 409 -3.97 -6.38 -23.64
N PRO B 410 -2.79 -6.30 -23.00
CA PRO B 410 -1.58 -5.92 -23.73
C PRO B 410 -1.08 -7.11 -24.55
N LEU B 411 -1.76 -7.40 -25.65
CA LEU B 411 -1.42 -8.53 -26.50
C LEU B 411 0.08 -8.57 -26.84
N PHE B 412 0.61 -7.43 -27.29
CA PHE B 412 2.02 -7.29 -27.66
C PHE B 412 2.73 -6.41 -26.63
N ARG B 413 3.80 -6.92 -26.03
CA ARG B 413 4.58 -6.16 -25.05
C ARG B 413 6.05 -6.20 -25.42
N LEU B 414 6.76 -5.12 -25.14
CA LEU B 414 8.19 -5.04 -25.43
C LEU B 414 8.95 -6.22 -24.84
N ALA B 415 8.51 -6.68 -23.68
CA ALA B 415 9.15 -7.82 -23.01
C ALA B 415 9.32 -9.03 -23.94
N GLU B 416 8.40 -9.22 -24.87
CA GLU B 416 8.51 -10.35 -25.79
C GLU B 416 9.76 -10.22 -26.65
N ALA B 417 10.13 -8.98 -26.98
CA ALA B 417 11.30 -8.74 -27.81
C ALA B 417 12.56 -9.17 -27.06
N TYR B 418 12.59 -8.90 -25.75
CA TYR B 418 13.74 -9.26 -24.94
C TYR B 418 13.90 -10.77 -24.79
N LEU B 419 12.80 -11.49 -24.59
CA LEU B 419 12.85 -12.94 -24.45
C LEU B 419 13.13 -13.61 -25.80
N THR B 420 12.57 -13.03 -26.85
CA THR B 420 12.78 -13.56 -28.19
C THR B 420 14.24 -13.43 -28.58
N ARG B 421 14.83 -12.26 -28.34
CA ARG B 421 16.23 -12.05 -28.67
C ARG B 421 17.11 -12.89 -27.75
N ALA B 422 16.68 -13.06 -26.51
CA ALA B 422 17.43 -13.85 -25.56
C ALA B 422 17.52 -15.29 -26.05
N GLU B 423 16.36 -15.88 -26.35
CA GLU B 423 16.33 -17.25 -26.82
C GLU B 423 17.08 -17.39 -28.15
N ALA B 424 16.88 -16.43 -29.05
CA ALA B 424 17.55 -16.46 -30.34
C ALA B 424 19.06 -16.43 -30.16
N ILE B 425 19.54 -15.54 -29.30
CA ILE B 425 20.97 -15.44 -29.05
C ILE B 425 21.50 -16.74 -28.45
N PHE B 426 20.79 -17.26 -27.45
CA PHE B 426 21.16 -18.50 -26.78
C PHE B 426 21.30 -19.67 -27.75
N ARG B 427 20.31 -19.83 -28.62
CA ARG B 427 20.33 -20.93 -29.57
C ARG B 427 21.38 -20.74 -30.66
N GLN B 428 21.95 -19.54 -30.73
CA GLN B 428 22.98 -19.23 -31.71
C GLN B 428 24.37 -19.40 -31.10
N GLY B 429 24.40 -19.75 -29.81
CA GLY B 429 25.66 -19.96 -29.12
C GLY B 429 26.17 -18.74 -28.39
N GLY B 430 25.39 -17.66 -28.41
CA GLY B 430 25.82 -16.44 -27.74
C GLY B 430 25.43 -16.33 -26.28
N ASP B 431 25.68 -15.17 -25.70
CA ASP B 431 25.38 -14.90 -24.29
C ASP B 431 24.08 -14.10 -24.16
N ALA B 432 23.03 -14.76 -23.69
CA ALA B 432 21.72 -14.13 -23.54
C ALA B 432 21.40 -13.69 -22.11
N THR B 433 22.38 -13.66 -21.23
CA THR B 433 22.14 -13.25 -19.85
C THR B 433 21.68 -11.81 -19.77
N GLY B 434 22.23 -10.96 -20.62
CA GLY B 434 21.86 -9.56 -20.62
C GLY B 434 20.38 -9.33 -20.86
N ASP B 435 19.84 -9.92 -21.92
CA ASP B 435 18.43 -9.74 -22.22
C ASP B 435 17.53 -10.33 -21.15
N ILE B 436 17.88 -11.51 -20.65
CA ILE B 436 17.08 -12.15 -19.60
C ILE B 436 17.07 -11.32 -18.31
N ASN B 437 18.24 -10.88 -17.88
CA ASN B 437 18.32 -10.08 -16.65
C ASN B 437 17.66 -8.72 -16.79
N GLU B 438 17.47 -8.26 -18.02
CA GLU B 438 16.82 -6.97 -18.22
C GLU B 438 15.38 -7.13 -17.70
N LEU B 439 14.79 -8.29 -17.97
CA LEU B 439 13.43 -8.60 -17.52
C LEU B 439 13.38 -8.89 -16.02
N ARG B 440 14.40 -9.60 -15.52
CA ARG B 440 14.45 -9.94 -14.12
C ARG B 440 14.73 -8.70 -13.25
N LYS B 441 15.49 -7.76 -13.79
CA LYS B 441 15.77 -6.52 -13.06
C LYS B 441 14.49 -5.71 -12.98
N ARG B 442 13.75 -5.65 -14.08
CA ARG B 442 12.51 -4.91 -14.12
C ARG B 442 11.55 -5.45 -13.06
N ALA B 443 11.56 -6.77 -12.88
CA ALA B 443 10.70 -7.42 -11.89
C ALA B 443 11.34 -7.45 -10.49
N ASN B 444 12.44 -6.72 -10.33
CA ASN B 444 13.13 -6.67 -9.03
C ASN B 444 13.40 -8.05 -8.46
N CYS B 445 13.89 -8.95 -9.32
CA CYS B 445 14.18 -10.30 -8.88
C CYS B 445 15.41 -10.32 -7.98
N THR B 446 15.34 -11.13 -6.93
CA THR B 446 16.46 -11.25 -6.02
C THR B 446 17.51 -12.14 -6.68
N ARG B 447 17.04 -13.07 -7.52
CA ARG B 447 17.92 -13.99 -8.21
C ARG B 447 18.21 -13.55 -9.64
N LYS B 448 19.49 -13.49 -9.99
CA LYS B 448 19.87 -13.10 -11.34
C LYS B 448 20.40 -14.36 -12.03
N VAL B 449 20.25 -14.41 -13.35
CA VAL B 449 20.72 -15.57 -14.10
C VAL B 449 22.20 -15.42 -14.45
N GLN B 450 23.00 -16.38 -13.98
CA GLN B 450 24.43 -16.37 -14.24
C GLN B 450 24.70 -17.10 -15.54
N THR B 451 23.88 -18.13 -15.80
CA THR B 451 24.00 -18.94 -16.99
C THR B 451 22.64 -19.19 -17.62
N VAL B 452 22.52 -18.94 -18.91
CA VAL B 452 21.27 -19.17 -19.60
C VAL B 452 21.19 -20.62 -20.08
N THR B 453 20.13 -21.31 -19.71
CA THR B 453 19.91 -22.69 -20.12
C THR B 453 18.55 -22.79 -20.80
N GLU B 454 18.31 -23.88 -21.51
CA GLU B 454 17.04 -24.04 -22.19
C GLU B 454 15.92 -24.04 -21.15
N GLN B 455 16.23 -24.57 -19.96
CA GLN B 455 15.26 -24.65 -18.89
C GLN B 455 14.92 -23.27 -18.34
N GLU B 456 15.95 -22.46 -18.13
CA GLU B 456 15.79 -21.11 -17.60
C GLU B 456 14.94 -20.29 -18.57
N LEU B 457 15.21 -20.45 -19.86
CA LEU B 457 14.47 -19.73 -20.89
C LEU B 457 12.98 -20.02 -20.90
N ILE B 458 12.61 -21.30 -21.03
CA ILE B 458 11.20 -21.66 -21.06
C ILE B 458 10.52 -21.33 -19.73
N ASP B 459 11.30 -21.31 -18.65
CA ASP B 459 10.77 -20.99 -17.34
C ASP B 459 10.56 -19.48 -17.25
N GLU B 460 11.43 -18.72 -17.91
CA GLU B 460 11.33 -17.28 -17.91
C GLU B 460 10.15 -16.85 -18.77
N TRP B 461 9.90 -17.59 -19.85
CA TRP B 461 8.77 -17.31 -20.74
C TRP B 461 7.49 -17.42 -19.94
N ALA B 462 7.44 -18.39 -19.02
CA ALA B 462 6.27 -18.59 -18.17
C ALA B 462 6.15 -17.47 -17.14
N ARG B 463 7.23 -17.19 -16.43
CA ARG B 463 7.23 -16.14 -15.40
C ARG B 463 6.83 -14.78 -15.97
N GLU B 464 7.31 -14.48 -17.16
CA GLU B 464 7.02 -13.21 -17.79
C GLU B 464 5.65 -13.11 -18.47
N PHE B 465 5.28 -14.14 -19.22
CA PHE B 465 4.01 -14.12 -19.95
C PHE B 465 2.88 -15.06 -19.53
N TYR B 466 2.96 -15.65 -18.35
CA TYR B 466 1.89 -16.57 -17.96
C TYR B 466 0.52 -15.90 -18.00
N LEU B 467 -0.46 -16.66 -18.48
CA LEU B 467 -1.85 -16.21 -18.63
C LEU B 467 -1.98 -15.08 -19.64
N GLU B 468 -1.17 -15.11 -20.69
CA GLU B 468 -1.24 -14.11 -21.74
C GLU B 468 -1.50 -14.74 -23.11
N GLY B 469 -1.88 -16.02 -23.08
CA GLY B 469 -2.23 -16.75 -24.30
C GLY B 469 -1.21 -17.24 -25.30
N ARG B 470 0.03 -17.49 -24.88
CA ARG B 470 1.04 -17.95 -25.83
C ARG B 470 1.79 -19.21 -25.37
N ARG B 471 1.68 -19.56 -24.10
CA ARG B 471 2.41 -20.70 -23.54
C ARG B 471 2.58 -21.93 -24.41
N ARG B 472 1.49 -22.49 -24.92
CA ARG B 472 1.59 -23.69 -25.74
C ARG B 472 2.59 -23.53 -26.89
N SER B 473 2.55 -22.38 -27.57
CA SER B 473 3.46 -22.14 -28.69
C SER B 473 4.91 -22.28 -28.28
N ASP B 474 5.28 -21.65 -27.18
CA ASP B 474 6.64 -21.72 -26.69
C ASP B 474 7.01 -23.15 -26.30
N LEU B 475 6.07 -23.85 -25.66
CA LEU B 475 6.32 -25.23 -25.24
C LEU B 475 6.59 -26.11 -26.45
N VAL B 476 5.79 -25.95 -27.51
CA VAL B 476 5.98 -26.74 -28.73
C VAL B 476 7.38 -26.48 -29.31
N ARG B 477 7.78 -25.22 -29.35
CA ARG B 477 9.09 -24.86 -29.89
C ARG B 477 10.22 -25.50 -29.12
N PHE B 478 10.08 -25.60 -27.79
CA PHE B 478 11.11 -26.21 -26.96
C PHE B 478 10.97 -27.73 -26.94
N GLY B 479 10.03 -28.26 -27.73
CA GLY B 479 9.81 -29.69 -27.79
C GLY B 479 9.38 -30.26 -26.45
N MET B 480 8.62 -29.49 -25.68
CA MET B 480 8.16 -29.91 -24.36
C MET B 480 6.64 -29.99 -24.21
N PHE B 481 5.91 -29.74 -25.27
CA PHE B 481 4.45 -29.76 -25.16
C PHE B 481 3.81 -31.15 -25.04
N THR B 482 4.21 -32.07 -25.90
CA THR B 482 3.64 -33.42 -25.88
C THR B 482 4.55 -34.50 -25.29
N THR B 483 5.84 -34.24 -25.30
CA THR B 483 6.86 -35.18 -24.84
C THR B 483 7.12 -35.33 -23.34
N ASN B 484 7.99 -36.27 -23.00
CA ASN B 484 8.37 -36.53 -21.61
C ASN B 484 9.50 -35.58 -21.19
N LYS B 485 9.95 -34.75 -22.11
CA LYS B 485 11.03 -33.81 -21.83
C LYS B 485 10.66 -32.88 -20.67
N TYR B 486 9.37 -32.58 -20.55
CA TYR B 486 8.88 -31.72 -19.49
C TYR B 486 7.49 -32.19 -19.09
N LEU B 487 7.36 -32.67 -17.85
CA LEU B 487 6.07 -33.13 -17.36
C LEU B 487 5.63 -32.22 -16.23
N TRP B 488 4.42 -31.68 -16.36
CA TRP B 488 3.86 -30.82 -15.33
C TRP B 488 2.63 -31.50 -14.81
N ASP B 489 2.14 -31.08 -13.66
CA ASP B 489 0.96 -31.69 -13.07
C ASP B 489 -0.26 -31.63 -14.00
N TRP B 490 -0.88 -32.80 -14.18
CA TRP B 490 -2.05 -32.99 -15.00
C TRP B 490 -1.83 -32.95 -16.51
N LYS B 491 -0.57 -32.98 -16.93
CA LYS B 491 -0.27 -33.01 -18.35
C LYS B 491 -0.74 -34.35 -18.89
N GLY B 492 -1.50 -34.34 -19.96
CA GLY B 492 -1.99 -35.58 -20.53
C GLY B 492 -3.01 -36.32 -19.67
N GLY B 493 -3.54 -35.63 -18.67
CA GLY B 493 -4.54 -36.24 -17.80
C GLY B 493 -3.99 -37.02 -16.60
N ALA B 494 -2.67 -37.02 -16.44
CA ALA B 494 -2.03 -37.74 -15.33
C ALA B 494 -1.67 -36.77 -14.20
N MET B 495 -1.90 -37.19 -12.97
CA MET B 495 -1.62 -36.37 -11.79
C MET B 495 -0.23 -35.71 -11.84
N ASN B 496 0.79 -36.51 -12.06
CA ASN B 496 2.16 -35.97 -12.12
C ASN B 496 2.60 -35.75 -13.54
N GLY B 497 1.65 -35.86 -14.47
CA GLY B 497 1.96 -35.63 -15.86
C GLY B 497 2.42 -36.86 -16.61
N THR B 498 2.01 -36.93 -17.87
CA THR B 498 2.39 -38.04 -18.75
C THR B 498 2.49 -37.48 -20.16
N SER B 499 3.08 -38.25 -21.06
CA SER B 499 3.24 -37.81 -22.44
C SER B 499 1.99 -38.12 -23.26
N VAL B 500 1.95 -37.57 -24.47
CA VAL B 500 0.86 -37.79 -25.40
C VAL B 500 1.50 -37.89 -26.79
N ALA B 501 0.73 -38.37 -27.76
CA ALA B 501 1.23 -38.51 -29.12
C ALA B 501 1.76 -37.17 -29.62
N SER B 502 2.87 -37.22 -30.35
CA SER B 502 3.50 -36.03 -30.88
C SER B 502 2.65 -35.25 -31.89
N TYR B 503 1.64 -35.89 -32.47
CA TYR B 503 0.82 -35.20 -33.45
C TYR B 503 -0.07 -34.16 -32.78
N TYR B 504 -0.07 -34.16 -31.45
CA TYR B 504 -0.86 -33.21 -30.68
C TYR B 504 -0.21 -31.83 -30.64
N ASN B 505 0.96 -31.70 -31.25
CA ASN B 505 1.67 -30.42 -31.30
C ASN B 505 0.92 -29.48 -32.22
N LYS B 506 -0.05 -30.03 -32.93
CA LYS B 506 -0.90 -29.26 -33.83
C LYS B 506 -2.33 -29.67 -33.54
N TYR B 507 -3.24 -28.70 -33.54
CA TYR B 507 -4.64 -28.98 -33.33
C TYR B 507 -5.16 -29.57 -34.63
N PRO B 508 -6.24 -30.36 -34.57
CA PRO B 508 -6.79 -30.95 -35.79
C PRO B 508 -7.70 -29.98 -36.54
N ILE B 509 -7.83 -30.19 -37.84
CA ILE B 509 -8.74 -29.36 -38.61
C ILE B 509 -10.10 -29.85 -38.18
N PRO B 510 -10.97 -28.95 -37.69
CA PRO B 510 -12.29 -29.41 -37.26
C PRO B 510 -12.98 -30.28 -38.29
N VAL B 511 -13.57 -31.39 -37.83
CA VAL B 511 -14.25 -32.31 -38.73
C VAL B 511 -15.33 -31.58 -39.53
N SER B 512 -15.92 -30.55 -38.93
CA SER B 512 -16.96 -29.78 -39.62
C SER B 512 -16.40 -29.18 -40.90
N ASP B 513 -15.19 -28.62 -40.82
CA ASP B 513 -14.59 -28.02 -42.00
C ASP B 513 -14.06 -29.09 -42.95
N ILE B 514 -13.69 -30.26 -42.40
CA ILE B 514 -13.20 -31.35 -43.23
C ILE B 514 -14.35 -31.82 -44.11
N ASN B 515 -15.55 -31.91 -43.52
CA ASN B 515 -16.73 -32.33 -44.26
C ASN B 515 -17.22 -31.28 -45.24
N ASN B 516 -17.09 -30.01 -44.87
CA ASN B 516 -17.55 -28.92 -45.72
C ASN B 516 -16.56 -28.47 -46.79
N ASN B 517 -15.27 -28.65 -46.53
CA ASN B 517 -14.25 -28.23 -47.48
C ASN B 517 -13.27 -29.34 -47.87
N ARG B 518 -13.54 -30.00 -48.98
CA ARG B 518 -12.71 -31.09 -49.46
C ARG B 518 -11.28 -30.63 -49.79
N ASN B 519 -11.07 -29.32 -49.84
CA ASN B 519 -9.75 -28.76 -50.13
C ASN B 519 -8.82 -28.90 -48.93
N MET B 520 -9.41 -29.01 -47.75
CA MET B 520 -8.62 -29.15 -46.52
C MET B 520 -8.31 -30.59 -46.20
N SER B 521 -7.09 -30.83 -45.72
CA SER B 521 -6.68 -32.17 -45.35
C SER B 521 -6.39 -32.21 -43.85
N GLN B 522 -6.79 -33.30 -43.19
CA GLN B 522 -6.61 -33.44 -41.76
C GLN B 522 -5.12 -33.52 -41.41
N ASN B 523 -4.76 -32.99 -40.23
CA ASN B 523 -3.37 -33.04 -39.81
C ASN B 523 -3.00 -34.48 -39.49
N GLU B 524 -1.73 -34.82 -39.71
CA GLU B 524 -1.25 -36.17 -39.48
C GLU B 524 -1.53 -36.60 -38.04
N GLY B 525 -1.89 -37.88 -37.86
CA GLY B 525 -2.15 -38.39 -36.53
C GLY B 525 -3.61 -38.53 -36.13
N TYR B 526 -4.45 -37.58 -36.52
CA TYR B 526 -5.86 -37.62 -36.16
C TYR B 526 -6.63 -38.52 -37.11
N LYS B 527 -7.80 -38.97 -36.66
CA LYS B 527 -8.61 -39.85 -37.50
C LYS B 527 -9.60 -39.06 -38.35
#